data_6SIX
#
_entry.id   6SIX
#
_cell.length_a   107.380
_cell.length_b   138.139
_cell.length_c   130.524
_cell.angle_alpha   90.000
_cell.angle_beta   90.000
_cell.angle_gamma   90.000
#
_symmetry.space_group_name_H-M   'C 2 2 21'
#
loop_
_entity.id
_entity.type
_entity.pdbx_description
1 polymer 'AMP-dependent synthetase and ligase'
2 non-polymer 'PHOSPHOAMINOPHOSPHONIC ACID-ADENYLATE ESTER'
3 non-polymer 'ZINC ION'
4 non-polymer 'MAGNESIUM ION'
5 non-polymer 'CITRATE ANION'
6 non-polymer 1,2-ETHANEDIOL
7 water water
#
_entity_poly.entity_id   1
_entity_poly.type   'polypeptide(L)'
_entity_poly.pdbx_seq_one_letter_code
;AMSRSRPELGDWSSPAELAELQRSQLPRVLAQALRSPFYAARYRGTTPPRTADDFAGVEVTAKQDLRDQYPFGMLAVGRE
HLATYHESSGTAGEPTASYYTEEDWTDLAERFARKWTGIHPSDTFLVRTPYGLVITGHLAQAAGRLRGATVVPGDARSLA
TPLSRMVRVLKTLDVTLTWCNPTEITMLAAAAKAAGLRPDQDFPHLRAMFTAAEPLTEVRRRRLSEIWGGIPVVEEYGST
ETGTIAGQCPEGRMHLWADRAIFEVYDPRTGTLSEAGRGQMVVTPLYRDAMPLLRYNLADDVEVSTDPCGCGWLLPTVTV
LGRAGTGHRIGPATVTQQRLEELVFSLPAAYEVMFWRAKAHPDVLELEFEAPEPVRQRAVKELGAALDRELGVPHRITGL
APGTLVPAEALTAQRDILKARYLFAEDEDWDKAVMYF
;
_entity_poly.pdbx_strand_id   A,B
#
loop_
_chem_comp.id
_chem_comp.type
_chem_comp.name
_chem_comp.formula
ANP non-polymer 'PHOSPHOAMINOPHOSPHONIC ACID-ADENYLATE ESTER' 'C10 H17 N6 O12 P3'
EDO non-polymer 1,2-ETHANEDIOL 'C2 H6 O2'
FLC non-polymer 'CITRATE ANION' 'C6 H5 O7 -3'
MG non-polymer 'MAGNESIUM ION' 'Mg 2'
ZN non-polymer 'ZINC ION' 'Zn 2'
#
# COMPACT_ATOMS: atom_id res chain seq x y z
N ARG A 4 -15.52 -21.73 9.67
CA ARG A 4 -17.01 -21.83 9.63
C ARG A 4 -17.46 -22.05 8.18
N SER A 5 -18.72 -22.47 7.99
CA SER A 5 -19.36 -22.72 6.68
C SER A 5 -20.15 -21.48 6.23
N ARG A 6 -19.78 -20.89 5.09
CA ARG A 6 -20.43 -19.64 4.60
C ARG A 6 -21.13 -19.93 3.29
N PRO A 7 -22.35 -19.39 3.08
CA PRO A 7 -23.12 -19.70 1.88
C PRO A 7 -22.50 -19.16 0.59
N GLU A 8 -22.81 -19.84 -0.52
CA GLU A 8 -22.46 -19.48 -1.91
C GLU A 8 -23.74 -19.19 -2.67
N LEU A 9 -23.67 -18.29 -3.66
CA LEU A 9 -24.74 -18.09 -4.65
C LEU A 9 -25.24 -19.47 -5.09
N GLY A 10 -26.54 -19.69 -5.01
CA GLY A 10 -27.15 -20.96 -5.45
C GLY A 10 -27.48 -21.89 -4.28
N ASP A 11 -27.06 -21.57 -3.05
CA ASP A 11 -27.36 -22.42 -1.85
C ASP A 11 -28.82 -22.24 -1.40
N TRP A 12 -29.48 -21.17 -1.82
CA TRP A 12 -30.91 -20.90 -1.50
C TRP A 12 -31.71 -20.87 -2.82
N SER A 13 -32.91 -21.42 -2.79
CA SER A 13 -33.77 -21.59 -3.99
C SER A 13 -34.95 -20.60 -3.95
N SER A 14 -35.11 -19.85 -2.86
CA SER A 14 -36.25 -18.91 -2.64
C SER A 14 -35.87 -17.85 -1.60
N PRO A 15 -36.62 -16.72 -1.55
CA PRO A 15 -36.44 -15.72 -0.49
C PRO A 15 -36.65 -16.25 0.94
N ALA A 16 -37.59 -17.17 1.14
CA ALA A 16 -37.85 -17.82 2.43
C ALA A 16 -36.58 -18.55 2.89
N GLU A 17 -35.92 -19.28 1.99
CA GLU A 17 -34.70 -20.05 2.35
C GLU A 17 -33.56 -19.07 2.68
N LEU A 18 -33.46 -17.97 1.93
CA LEU A 18 -32.45 -16.91 2.20
C LEU A 18 -32.69 -16.33 3.60
N ALA A 19 -33.94 -15.97 3.91
CA ALA A 19 -34.32 -15.40 5.24
C ALA A 19 -33.91 -16.39 6.34
N GLU A 20 -34.03 -17.70 6.10
CA GLU A 20 -33.66 -18.72 7.10
C GLU A 20 -32.14 -18.81 7.26
N LEU A 21 -31.36 -18.75 6.16
CA LEU A 21 -29.88 -18.72 6.24
C LEU A 21 -29.46 -17.55 7.13
N GLN A 22 -30.20 -16.44 7.09
CA GLN A 22 -29.83 -15.21 7.84
C GLN A 22 -30.20 -15.39 9.31
N ARG A 23 -31.47 -15.72 9.59
CA ARG A 23 -32.02 -15.80 10.97
C ARG A 23 -31.26 -16.87 11.78
N SER A 24 -30.79 -17.95 11.14
CA SER A 24 -30.05 -19.06 11.80
C SER A 24 -28.70 -18.58 12.33
N GLN A 25 -28.16 -17.45 11.83
CA GLN A 25 -26.87 -16.87 12.31
C GLN A 25 -27.10 -15.87 13.46
N LEU A 26 -28.33 -15.36 13.64
CA LEU A 26 -28.58 -14.16 14.50
C LEU A 26 -28.29 -14.46 15.97
N PRO A 27 -28.64 -15.62 16.55
CA PRO A 27 -28.24 -15.91 17.93
C PRO A 27 -26.72 -15.76 18.13
N ARG A 28 -25.91 -16.36 17.26
CA ARG A 28 -24.44 -16.24 17.36
C ARG A 28 -24.04 -14.76 17.26
N VAL A 29 -24.61 -14.04 16.29
CA VAL A 29 -24.21 -12.63 15.96
C VAL A 29 -24.57 -11.72 17.13
N LEU A 30 -25.75 -11.94 17.73
CA LEU A 30 -26.23 -11.11 18.87
C LEU A 30 -25.37 -11.36 20.12
N ALA A 31 -25.01 -12.61 20.40
CA ALA A 31 -24.13 -12.98 21.53
C ALA A 31 -22.72 -12.41 21.28
N GLN A 32 -22.24 -12.35 20.04
CA GLN A 32 -20.89 -11.81 19.73
C GLN A 32 -20.88 -10.30 19.97
N ALA A 33 -21.92 -9.59 19.49
CA ALA A 33 -22.04 -8.12 19.62
C ALA A 33 -21.96 -7.72 21.10
N LEU A 34 -22.59 -8.50 21.98
CA LEU A 34 -22.67 -8.18 23.42
C LEU A 34 -21.31 -8.25 24.12
N ARG A 35 -20.30 -8.88 23.50
N ARG A 35 -20.30 -8.88 23.50
CA ARG A 35 -18.94 -9.00 24.09
CA ARG A 35 -18.94 -9.00 24.09
C ARG A 35 -18.20 -7.66 23.94
C ARG A 35 -18.20 -7.66 23.94
N SER A 36 -18.61 -6.80 22.99
CA SER A 36 -17.97 -5.48 22.77
C SER A 36 -18.40 -4.52 23.87
N PRO A 37 -17.49 -3.66 24.38
CA PRO A 37 -17.84 -2.62 25.35
C PRO A 37 -19.04 -1.75 24.93
N PHE A 38 -19.18 -1.46 23.64
CA PHE A 38 -20.26 -0.58 23.13
C PHE A 38 -21.64 -1.23 23.33
N TYR A 39 -21.81 -2.49 22.90
CA TYR A 39 -23.12 -3.19 22.99
C TYR A 39 -23.37 -3.65 24.43
N ALA A 40 -22.32 -4.02 25.17
CA ALA A 40 -22.44 -4.38 26.60
C ALA A 40 -23.00 -3.18 27.37
N ALA A 41 -22.51 -1.97 27.08
CA ALA A 41 -22.99 -0.71 27.70
C ALA A 41 -24.41 -0.41 27.21
N ARG A 42 -24.69 -0.57 25.90
CA ARG A 42 -26.02 -0.29 25.32
C ARG A 42 -27.12 -1.08 26.04
N TYR A 43 -26.87 -2.35 26.39
CA TYR A 43 -27.88 -3.28 26.96
C TYR A 43 -27.60 -3.55 28.44
N ARG A 44 -26.72 -2.77 29.06
CA ARG A 44 -26.47 -2.82 30.53
C ARG A 44 -27.79 -2.52 31.25
N GLY A 45 -28.14 -3.33 32.25
CA GLY A 45 -29.34 -3.11 33.10
C GLY A 45 -30.65 -3.48 32.38
N THR A 46 -30.57 -3.98 31.14
CA THR A 46 -31.68 -4.65 30.43
C THR A 46 -31.28 -6.11 30.17
N THR A 47 -32.21 -6.95 29.71
CA THR A 47 -31.89 -8.24 29.02
C THR A 47 -31.59 -7.90 27.56
N PRO A 48 -30.39 -8.26 27.07
CA PRO A 48 -30.06 -7.99 25.67
C PRO A 48 -30.84 -8.88 24.70
N PRO A 49 -30.89 -8.53 23.38
CA PRO A 49 -31.46 -9.42 22.37
C PRO A 49 -30.64 -10.72 22.22
N ARG A 50 -31.32 -11.86 22.11
CA ARG A 50 -30.69 -13.22 22.05
C ARG A 50 -31.14 -14.01 20.82
N THR A 51 -32.35 -13.80 20.33
CA THR A 51 -33.02 -14.66 19.33
C THR A 51 -33.21 -13.90 18.01
N ALA A 52 -33.53 -14.62 16.93
CA ALA A 52 -33.82 -14.05 15.59
C ALA A 52 -34.96 -13.03 15.70
N ASP A 53 -35.98 -13.32 16.50
CA ASP A 53 -37.19 -12.47 16.65
C ASP A 53 -36.82 -11.17 17.38
N ASP A 54 -35.95 -11.24 18.40
CA ASP A 54 -35.45 -10.08 19.18
C ASP A 54 -34.78 -9.04 18.26
N PHE A 55 -34.21 -9.48 17.14
CA PHE A 55 -33.47 -8.61 16.20
C PHE A 55 -34.38 -7.47 15.68
N ALA A 56 -35.68 -7.71 15.47
CA ALA A 56 -36.62 -6.69 14.95
C ALA A 56 -36.61 -5.47 15.87
N GLY A 57 -36.28 -5.64 17.15
CA GLY A 57 -36.32 -4.59 18.18
C GLY A 57 -34.99 -3.87 18.35
N VAL A 58 -33.95 -4.27 17.61
CA VAL A 58 -32.55 -3.81 17.84
C VAL A 58 -32.41 -2.38 17.32
N GLU A 59 -31.83 -1.51 18.15
CA GLU A 59 -31.55 -0.08 17.87
C GLU A 59 -30.42 0.01 16.83
N VAL A 60 -30.56 0.97 15.92
CA VAL A 60 -29.56 1.30 14.86
C VAL A 60 -28.25 1.73 15.52
N THR A 61 -27.14 1.36 14.89
CA THR A 61 -25.77 1.81 15.25
C THR A 61 -25.35 2.86 14.23
N ALA A 62 -24.96 4.05 14.67
CA ALA A 62 -24.62 5.20 13.80
C ALA A 62 -23.10 5.28 13.62
N LYS A 63 -22.66 5.92 12.54
CA LYS A 63 -21.23 6.25 12.31
C LYS A 63 -20.66 6.96 13.55
N GLN A 64 -21.42 7.88 14.14
CA GLN A 64 -20.98 8.70 15.30
C GLN A 64 -20.65 7.76 16.47
N ASP A 65 -21.34 6.63 16.57
CA ASP A 65 -21.08 5.61 17.61
C ASP A 65 -19.68 5.03 17.40
N LEU A 66 -19.37 4.63 16.17
CA LEU A 66 -18.05 4.08 15.81
C LEU A 66 -16.96 5.13 16.10
N ARG A 67 -17.19 6.40 15.78
CA ARG A 67 -16.20 7.48 16.05
C ARG A 67 -16.00 7.64 17.57
N ASP A 68 -17.09 7.68 18.33
CA ASP A 68 -17.08 7.87 19.81
C ASP A 68 -16.32 6.71 20.46
N GLN A 69 -16.39 5.51 19.88
CA GLN A 69 -15.81 4.27 20.47
C GLN A 69 -14.35 4.09 20.04
N TYR A 70 -13.77 5.02 19.27
CA TYR A 70 -12.35 4.95 18.84
C TYR A 70 -11.43 4.83 20.05
N PRO A 71 -10.42 3.93 20.06
CA PRO A 71 -10.18 2.95 18.99
C PRO A 71 -10.87 1.58 19.03
N PHE A 72 -11.06 0.97 20.20
CA PHE A 72 -11.43 -0.47 20.34
C PHE A 72 -12.71 -0.69 21.17
N GLY A 73 -13.61 0.29 21.20
CA GLY A 73 -14.91 0.17 21.91
C GLY A 73 -15.86 -0.81 21.22
N MET A 74 -15.67 -1.08 19.93
CA MET A 74 -16.51 -2.05 19.18
C MET A 74 -15.87 -3.44 19.18
N LEU A 75 -14.80 -3.66 19.94
CA LEU A 75 -13.97 -4.89 19.85
C LEU A 75 -14.59 -6.01 20.69
N ALA A 76 -14.84 -7.18 20.10
CA ALA A 76 -15.51 -8.32 20.77
C ALA A 76 -14.56 -9.50 20.98
N VAL A 77 -13.32 -9.45 20.48
CA VAL A 77 -12.31 -10.53 20.69
C VAL A 77 -11.05 -9.92 21.32
N GLY A 78 -10.21 -10.76 21.94
CA GLY A 78 -8.86 -10.36 22.36
C GLY A 78 -8.09 -9.80 21.17
N ARG A 79 -7.29 -8.77 21.39
CA ARG A 79 -6.47 -8.16 20.32
C ARG A 79 -5.52 -9.19 19.71
N GLU A 80 -5.15 -10.21 20.48
CA GLU A 80 -4.25 -11.29 19.96
C GLU A 80 -4.88 -11.94 18.71
N HIS A 81 -6.20 -11.93 18.58
CA HIS A 81 -6.93 -12.57 17.44
C HIS A 81 -7.08 -11.63 16.24
N LEU A 82 -6.73 -10.34 16.32
CA LEU A 82 -6.84 -9.42 15.17
C LEU A 82 -5.75 -9.75 14.14
N ALA A 83 -6.10 -9.73 12.87
CA ALA A 83 -5.18 -9.89 11.73
C ALA A 83 -4.75 -8.52 11.22
N THR A 84 -5.71 -7.62 10.97
CA THR A 84 -5.40 -6.25 10.49
C THR A 84 -6.32 -5.22 11.16
N TYR A 85 -5.87 -3.99 11.15
CA TYR A 85 -6.56 -2.79 11.67
C TYR A 85 -6.65 -1.79 10.52
N HIS A 86 -7.79 -1.11 10.40
CA HIS A 86 -8.03 -0.15 9.30
C HIS A 86 -8.72 1.09 9.87
N GLU A 87 -8.61 2.20 9.16
CA GLU A 87 -9.41 3.41 9.48
C GLU A 87 -10.08 3.85 8.20
N SER A 88 -11.25 4.44 8.33
CA SER A 88 -12.10 4.83 7.18
C SER A 88 -11.48 6.06 6.54
N SER A 89 -11.77 6.26 5.25
CA SER A 89 -11.53 7.51 4.48
C SER A 89 -12.40 8.62 5.10
N GLY A 90 -12.35 9.83 4.54
CA GLY A 90 -13.09 11.00 5.08
C GLY A 90 -12.31 11.71 6.17
N THR A 91 -13.02 12.33 7.11
CA THR A 91 -12.47 13.25 8.13
C THR A 91 -11.33 12.53 8.90
N ALA A 92 -10.17 13.18 8.98
CA ALA A 92 -8.99 12.70 9.72
C ALA A 92 -9.17 13.00 11.21
N GLY A 93 -9.78 14.15 11.55
CA GLY A 93 -9.90 14.64 12.94
C GLY A 93 -10.65 13.67 13.84
N GLU A 94 -11.60 12.91 13.28
CA GLU A 94 -12.47 11.96 14.01
C GLU A 94 -12.40 10.60 13.29
N PRO A 95 -11.35 9.80 13.58
CA PRO A 95 -11.13 8.55 12.86
C PRO A 95 -12.19 7.48 13.19
N THR A 96 -12.49 6.64 12.20
CA THR A 96 -13.35 5.44 12.34
C THR A 96 -12.50 4.19 12.19
N ALA A 97 -12.34 3.42 13.28
CA ALA A 97 -11.52 2.19 13.31
C ALA A 97 -12.36 0.98 12.88
N SER A 98 -11.78 0.10 12.09
CA SER A 98 -12.34 -1.26 11.88
C SER A 98 -11.18 -2.26 11.89
N TYR A 99 -11.48 -3.51 12.18
CA TYR A 99 -10.44 -4.55 12.42
C TYR A 99 -11.10 -5.92 12.27
N TYR A 100 -10.26 -6.90 11.92
CA TYR A 100 -10.69 -8.19 11.35
C TYR A 100 -9.74 -9.27 11.85
N THR A 101 -10.32 -10.40 12.27
CA THR A 101 -9.58 -11.68 12.46
C THR A 101 -9.26 -12.28 11.07
N GLU A 102 -8.42 -13.32 11.03
CA GLU A 102 -8.13 -14.09 9.79
C GLU A 102 -9.45 -14.61 9.21
N GLU A 103 -10.33 -15.15 10.05
CA GLU A 103 -11.59 -15.78 9.57
C GLU A 103 -12.51 -14.67 9.05
N ASP A 104 -12.54 -13.50 9.71
CA ASP A 104 -13.29 -12.31 9.21
C ASP A 104 -12.81 -12.00 7.79
N TRP A 105 -11.50 -12.07 7.56
CA TRP A 105 -10.88 -11.76 6.25
C TRP A 105 -11.36 -12.73 5.17
N THR A 106 -11.60 -14.00 5.51
CA THR A 106 -12.04 -14.97 4.48
C THR A 106 -13.41 -14.51 3.95
N ASP A 107 -14.34 -14.11 4.82
CA ASP A 107 -15.67 -13.59 4.40
C ASP A 107 -15.46 -12.36 3.50
N LEU A 108 -14.65 -11.39 3.93
CA LEU A 108 -14.38 -10.16 3.16
C LEU A 108 -13.88 -10.49 1.74
N ALA A 109 -12.87 -11.33 1.63
CA ALA A 109 -12.24 -11.70 0.36
C ALA A 109 -13.27 -12.39 -0.54
N GLU A 110 -14.08 -13.28 0.01
CA GLU A 110 -15.10 -14.03 -0.77
C GLU A 110 -16.09 -13.03 -1.38
N ARG A 111 -16.55 -12.06 -0.60
CA ARG A 111 -17.57 -11.08 -1.08
C ARG A 111 -17.00 -10.22 -2.20
N PHE A 112 -15.77 -9.73 -2.06
CA PHE A 112 -15.12 -8.94 -3.15
C PHE A 112 -15.03 -9.82 -4.39
N ALA A 113 -14.68 -11.09 -4.22
CA ALA A 113 -14.36 -12.02 -5.33
C ALA A 113 -15.63 -12.42 -6.10
N ARG A 114 -16.82 -12.05 -5.63
CA ARG A 114 -18.09 -12.27 -6.37
C ARG A 114 -18.18 -11.25 -7.51
N LYS A 115 -17.31 -11.41 -8.49
CA LYS A 115 -17.21 -10.56 -9.70
C LYS A 115 -17.74 -11.42 -10.83
N TRP A 116 -18.82 -11.01 -11.52
CA TRP A 116 -19.55 -11.88 -12.47
C TRP A 116 -18.62 -12.30 -13.61
N THR A 117 -17.57 -11.51 -13.87
CA THR A 117 -16.56 -11.76 -14.94
C THR A 117 -15.60 -12.85 -14.49
N GLY A 118 -15.63 -13.21 -13.21
CA GLY A 118 -14.65 -14.12 -12.61
C GLY A 118 -13.34 -13.40 -12.26
N ILE A 119 -12.63 -13.97 -11.30
CA ILE A 119 -11.17 -13.71 -11.06
C ILE A 119 -10.48 -15.07 -11.14
N HIS A 120 -9.48 -15.22 -12.01
CA HIS A 120 -8.85 -16.51 -12.35
C HIS A 120 -7.33 -16.41 -12.21
N PRO A 121 -6.65 -17.57 -12.01
CA PRO A 121 -5.19 -17.61 -12.11
C PRO A 121 -4.63 -17.00 -13.40
N SER A 122 -5.40 -17.06 -14.51
CA SER A 122 -4.99 -16.52 -15.84
C SER A 122 -4.97 -14.98 -15.78
N ASP A 123 -5.52 -14.38 -14.73
CA ASP A 123 -5.65 -12.90 -14.63
C ASP A 123 -4.38 -12.27 -14.05
N THR A 124 -4.05 -11.08 -14.54
CA THR A 124 -3.08 -10.15 -13.93
C THR A 124 -3.91 -8.94 -13.49
N PHE A 125 -3.93 -8.68 -12.19
CA PHE A 125 -4.90 -7.79 -11.51
C PHE A 125 -4.17 -6.59 -10.92
N LEU A 126 -4.35 -5.42 -11.54
CA LEU A 126 -3.75 -4.15 -11.05
C LEU A 126 -4.66 -3.55 -9.99
N VAL A 127 -4.19 -3.51 -8.75
CA VAL A 127 -4.91 -2.90 -7.61
C VAL A 127 -4.47 -1.45 -7.51
N ARG A 128 -5.35 -0.54 -7.92
CA ARG A 128 -5.04 0.91 -8.02
C ARG A 128 -5.97 1.66 -7.06
N THR A 129 -6.00 1.24 -5.81
CA THR A 129 -6.66 1.94 -4.69
C THR A 129 -5.68 1.98 -3.52
N PRO A 130 -5.90 2.85 -2.51
CA PRO A 130 -4.92 3.01 -1.44
C PRO A 130 -4.76 1.79 -0.54
N TYR A 131 -3.54 1.61 -0.04
CA TYR A 131 -3.19 0.63 1.03
C TYR A 131 -2.94 1.34 2.36
N GLY A 132 -2.94 2.66 2.39
CA GLY A 132 -2.67 3.44 3.62
C GLY A 132 -3.90 3.50 4.50
N LEU A 133 -3.90 2.67 5.54
CA LEU A 133 -4.92 2.55 6.62
C LEU A 133 -6.27 2.02 6.09
N VAL A 134 -6.80 2.57 5.02
CA VAL A 134 -8.09 2.11 4.44
C VAL A 134 -7.96 0.64 4.00
N ILE A 135 -9.09 -0.05 3.86
CA ILE A 135 -9.10 -1.49 3.54
C ILE A 135 -8.99 -1.75 2.02
N THR A 136 -9.34 -0.79 1.16
CA THR A 136 -9.71 -1.06 -0.26
C THR A 136 -8.59 -1.81 -0.99
N GLY A 137 -7.35 -1.33 -0.96
CA GLY A 137 -6.22 -2.00 -1.60
C GLY A 137 -6.02 -3.42 -1.08
N HIS A 138 -6.06 -3.58 0.25
CA HIS A 138 -5.87 -4.87 0.96
C HIS A 138 -6.97 -5.84 0.56
N LEU A 139 -8.20 -5.34 0.39
CA LEU A 139 -9.39 -6.17 0.11
C LEU A 139 -9.20 -6.79 -1.28
N ALA A 140 -8.90 -5.97 -2.28
CA ALA A 140 -8.75 -6.44 -3.67
C ALA A 140 -7.56 -7.40 -3.71
N GLN A 141 -6.47 -7.08 -3.04
CA GLN A 141 -5.27 -7.96 -3.01
C GLN A 141 -5.65 -9.33 -2.41
N ALA A 142 -6.42 -9.35 -1.33
CA ALA A 142 -6.85 -10.58 -0.63
C ALA A 142 -7.71 -11.43 -1.56
N ALA A 143 -8.63 -10.81 -2.29
CA ALA A 143 -9.52 -11.54 -3.24
C ALA A 143 -8.68 -12.08 -4.39
N GLY A 144 -7.73 -11.29 -4.90
CA GLY A 144 -6.81 -11.75 -5.95
C GLY A 144 -6.00 -12.96 -5.49
N ARG A 145 -5.46 -12.94 -4.28
CA ARG A 145 -4.68 -14.07 -3.71
C ARG A 145 -5.62 -15.27 -3.56
N LEU A 146 -6.86 -15.04 -3.11
CA LEU A 146 -7.83 -16.13 -2.88
C LEU A 146 -8.08 -16.86 -4.21
N ARG A 147 -8.20 -16.14 -5.33
CA ARG A 147 -8.59 -16.72 -6.64
C ARG A 147 -7.35 -17.03 -7.49
N GLY A 148 -6.14 -16.70 -7.02
CA GLY A 148 -4.87 -17.05 -7.69
C GLY A 148 -4.47 -16.07 -8.80
N ALA A 149 -5.13 -14.91 -8.90
CA ALA A 149 -4.75 -13.87 -9.89
C ALA A 149 -3.39 -13.31 -9.50
N THR A 150 -2.49 -13.04 -10.44
CA THR A 150 -1.25 -12.29 -10.16
C THR A 150 -1.65 -10.86 -9.75
N VAL A 151 -1.36 -10.48 -8.52
CA VAL A 151 -1.70 -9.14 -7.99
C VAL A 151 -0.51 -8.21 -8.26
N VAL A 152 -0.78 -7.10 -8.96
CA VAL A 152 0.17 -5.98 -9.12
C VAL A 152 -0.31 -4.89 -8.18
N PRO A 153 0.41 -4.61 -7.07
CA PRO A 153 -0.03 -3.59 -6.11
C PRO A 153 0.34 -2.18 -6.59
N GLY A 154 -0.59 -1.53 -7.27
CA GLY A 154 -0.44 -0.15 -7.78
C GLY A 154 -0.50 0.86 -6.65
N ASP A 155 -1.31 0.59 -5.62
CA ASP A 155 -1.59 1.58 -4.55
C ASP A 155 -2.19 2.79 -5.28
N ALA A 156 -2.60 3.81 -4.56
CA ALA A 156 -3.17 5.07 -5.10
C ALA A 156 -2.80 6.12 -4.09
N ARG A 157 -2.60 7.35 -4.55
CA ARG A 157 -2.26 8.53 -3.72
C ARG A 157 -0.85 8.37 -3.18
N SER A 158 -0.04 7.54 -3.83
CA SER A 158 1.37 7.27 -3.47
C SER A 158 2.26 7.93 -4.51
N LEU A 159 3.30 8.62 -4.05
CA LEU A 159 4.31 9.23 -4.94
C LEU A 159 5.08 8.14 -5.70
N ALA A 160 5.06 6.90 -5.21
CA ALA A 160 5.79 5.77 -5.84
C ALA A 160 5.13 5.36 -7.17
N THR A 161 3.84 5.59 -7.35
CA THR A 161 3.06 4.98 -8.46
C THR A 161 2.20 6.02 -9.16
N PRO A 162 2.82 6.97 -9.90
CA PRO A 162 2.05 7.92 -10.68
C PRO A 162 1.36 7.23 -11.86
N LEU A 163 0.38 7.92 -12.41
CA LEU A 163 -0.47 7.43 -13.53
C LEU A 163 0.41 6.96 -14.69
N SER A 164 1.45 7.73 -15.04
CA SER A 164 2.33 7.40 -16.18
C SER A 164 2.86 5.97 -16.00
N ARG A 165 3.28 5.64 -14.78
CA ARG A 165 3.85 4.31 -14.50
C ARG A 165 2.74 3.25 -14.55
N MET A 166 1.54 3.55 -14.04
CA MET A 166 0.42 2.57 -14.05
C MET A 166 0.03 2.25 -15.51
N VAL A 167 -0.01 3.25 -16.38
CA VAL A 167 -0.36 3.03 -17.81
C VAL A 167 0.66 2.09 -18.45
N ARG A 168 1.96 2.34 -18.20
N ARG A 168 1.95 2.32 -18.18
CA ARG A 168 3.08 1.47 -18.66
CA ARG A 168 3.02 1.46 -18.76
C ARG A 168 2.87 0.04 -18.17
C ARG A 168 2.88 0.04 -18.17
N VAL A 169 2.52 -0.12 -16.90
CA VAL A 169 2.28 -1.46 -16.28
C VAL A 169 1.08 -2.13 -16.96
N LEU A 170 -0.04 -1.42 -17.15
CA LEU A 170 -1.24 -1.93 -17.86
C LEU A 170 -0.83 -2.57 -19.19
N LYS A 171 -0.04 -1.86 -19.98
CA LYS A 171 0.37 -2.26 -21.35
C LYS A 171 1.40 -3.41 -21.28
N THR A 172 2.50 -3.21 -20.56
CA THR A 172 3.68 -4.11 -20.62
C THR A 172 3.39 -5.43 -19.90
N LEU A 173 2.57 -5.45 -18.86
CA LEU A 173 2.24 -6.70 -18.12
C LEU A 173 0.99 -7.37 -18.68
N ASP A 174 0.35 -6.83 -19.73
CA ASP A 174 -0.88 -7.44 -20.31
C ASP A 174 -1.92 -7.57 -19.19
N VAL A 175 -2.08 -6.53 -18.36
CA VAL A 175 -3.04 -6.55 -17.24
C VAL A 175 -4.42 -6.92 -17.79
N THR A 176 -5.16 -7.79 -17.10
CA THR A 176 -6.48 -8.29 -17.55
C THR A 176 -7.60 -7.66 -16.73
N LEU A 177 -7.33 -7.31 -15.47
CA LEU A 177 -8.31 -6.73 -14.52
C LEU A 177 -7.69 -5.53 -13.82
N THR A 178 -8.51 -4.53 -13.54
CA THR A 178 -8.13 -3.35 -12.72
C THR A 178 -9.14 -3.20 -11.60
N TRP A 179 -8.70 -2.55 -10.52
CA TRP A 179 -9.53 -2.12 -9.39
C TRP A 179 -9.16 -0.68 -9.10
N CYS A 180 -10.10 0.24 -9.31
CA CYS A 180 -9.92 1.67 -9.01
C CYS A 180 -11.30 2.34 -9.07
N ASN A 181 -11.39 3.56 -8.52
CA ASN A 181 -12.67 4.29 -8.51
C ASN A 181 -12.94 4.77 -9.94
N PRO A 182 -14.18 5.18 -10.24
CA PRO A 182 -14.56 5.58 -11.60
C PRO A 182 -13.81 6.79 -12.14
N THR A 183 -13.48 7.75 -11.28
CA THR A 183 -12.65 8.93 -11.67
C THR A 183 -11.28 8.41 -12.11
N GLU A 184 -10.71 7.43 -11.39
CA GLU A 184 -9.37 6.88 -11.71
C GLU A 184 -9.43 6.15 -13.05
N ILE A 185 -10.58 5.55 -13.41
CA ILE A 185 -10.72 4.92 -14.76
C ILE A 185 -10.50 5.99 -15.84
N THR A 186 -11.07 7.18 -15.69
CA THR A 186 -10.92 8.27 -16.70
C THR A 186 -9.51 8.89 -16.60
N MET A 187 -8.94 8.99 -15.40
CA MET A 187 -7.55 9.48 -15.22
C MET A 187 -6.59 8.56 -15.97
N LEU A 188 -6.75 7.24 -15.83
CA LEU A 188 -5.90 6.24 -16.53
C LEU A 188 -6.10 6.36 -18.04
N ALA A 189 -7.32 6.61 -18.52
CA ALA A 189 -7.59 6.82 -19.95
C ALA A 189 -6.83 8.07 -20.44
N ALA A 190 -6.84 9.16 -19.68
CA ALA A 190 -6.19 10.42 -20.10
C ALA A 190 -4.67 10.19 -20.06
N ALA A 191 -4.17 9.46 -19.05
CA ALA A 191 -2.73 9.15 -18.92
C ALA A 191 -2.29 8.24 -20.06
N ALA A 192 -3.13 7.28 -20.47
CA ALA A 192 -2.82 6.36 -21.59
C ALA A 192 -2.59 7.19 -22.85
N LYS A 193 -3.48 8.11 -23.16
CA LYS A 193 -3.33 8.93 -24.40
C LYS A 193 -2.01 9.73 -24.31
N ALA A 194 -1.72 10.30 -23.14
CA ALA A 194 -0.46 11.05 -22.93
C ALA A 194 0.78 10.13 -23.04
N ALA A 195 0.64 8.82 -22.87
CA ALA A 195 1.73 7.84 -23.05
C ALA A 195 1.73 7.31 -24.49
N GLY A 196 0.86 7.81 -25.36
CA GLY A 196 0.83 7.37 -26.76
C GLY A 196 0.03 6.09 -26.93
N LEU A 197 -0.91 5.77 -26.03
CA LEU A 197 -1.70 4.52 -26.07
C LEU A 197 -3.17 4.86 -26.18
N ARG A 198 -3.90 4.21 -27.07
CA ARG A 198 -5.35 4.42 -27.26
C ARG A 198 -6.09 3.46 -26.33
N PRO A 199 -6.80 3.95 -25.32
CA PRO A 199 -7.52 3.07 -24.40
C PRO A 199 -8.54 2.14 -25.07
N ASP A 200 -9.10 2.54 -26.23
CA ASP A 200 -10.13 1.73 -26.93
C ASP A 200 -9.51 0.58 -27.74
N GLN A 201 -8.19 0.50 -27.91
CA GLN A 201 -7.56 -0.48 -28.84
C GLN A 201 -6.25 -1.10 -28.30
N ASP A 202 -5.43 -0.35 -27.57
CA ASP A 202 -4.01 -0.71 -27.34
C ASP A 202 -3.82 -1.56 -26.07
N PHE A 203 -4.91 -1.98 -25.41
CA PHE A 203 -4.89 -2.84 -24.20
C PHE A 203 -5.74 -4.08 -24.48
N PRO A 204 -5.36 -4.92 -25.47
CA PRO A 204 -6.21 -6.04 -25.90
C PRO A 204 -6.44 -7.11 -24.84
N HIS A 205 -5.57 -7.23 -23.83
CA HIS A 205 -5.70 -8.23 -22.74
C HIS A 205 -6.57 -7.71 -21.60
N LEU A 206 -6.84 -6.41 -21.55
CA LEU A 206 -7.71 -5.83 -20.48
C LEU A 206 -9.14 -6.32 -20.75
N ARG A 207 -9.72 -7.10 -19.84
CA ARG A 207 -11.03 -7.76 -20.10
C ARG A 207 -12.13 -7.23 -19.18
N ALA A 208 -11.78 -6.63 -18.04
CA ALA A 208 -12.77 -6.03 -17.13
C ALA A 208 -12.11 -5.00 -16.22
N MET A 209 -12.90 -4.02 -15.81
CA MET A 209 -12.50 -2.97 -14.86
C MET A 209 -13.48 -2.98 -13.69
N PHE A 210 -12.96 -3.28 -12.50
CA PHE A 210 -13.77 -3.34 -11.25
C PHE A 210 -13.72 -1.95 -10.61
N THR A 211 -14.85 -1.48 -10.07
CA THR A 211 -14.93 -0.10 -9.56
C THR A 211 -15.93 -0.01 -8.41
N ALA A 212 -15.76 1.01 -7.57
CA ALA A 212 -16.61 1.31 -6.41
C ALA A 212 -16.24 2.71 -5.91
N ALA A 213 -16.81 3.09 -4.76
CA ALA A 213 -16.36 4.20 -3.89
C ALA A 213 -17.01 5.51 -4.33
N GLU A 214 -17.66 5.57 -5.49
CA GLU A 214 -18.37 6.76 -6.00
C GLU A 214 -19.77 6.36 -6.48
N PRO A 215 -20.77 7.23 -6.28
CA PRO A 215 -22.05 7.10 -6.99
C PRO A 215 -21.79 7.12 -8.50
N LEU A 216 -22.33 6.14 -9.20
CA LEU A 216 -21.98 5.89 -10.61
C LEU A 216 -23.27 5.68 -11.40
N THR A 217 -23.64 6.61 -12.27
CA THR A 217 -24.83 6.47 -13.15
C THR A 217 -24.52 5.44 -14.22
N GLU A 218 -25.56 4.80 -14.76
CA GLU A 218 -25.38 3.80 -15.84
C GLU A 218 -24.81 4.53 -17.07
N VAL A 219 -25.19 5.79 -17.29
CA VAL A 219 -24.71 6.57 -18.47
C VAL A 219 -23.18 6.74 -18.37
N ARG A 220 -22.68 7.15 -17.21
CA ARG A 220 -21.22 7.29 -16.99
C ARG A 220 -20.55 5.91 -17.09
N ARG A 221 -21.10 4.90 -16.42
CA ARG A 221 -20.50 3.55 -16.42
C ARG A 221 -20.35 3.05 -17.87
N ARG A 222 -21.38 3.22 -18.69
CA ARG A 222 -21.36 2.82 -20.12
C ARG A 222 -20.29 3.63 -20.87
N ARG A 223 -20.17 4.93 -20.60
CA ARG A 223 -19.11 5.74 -21.23
C ARG A 223 -17.71 5.23 -20.82
N LEU A 224 -17.48 4.91 -19.54
CA LEU A 224 -16.15 4.39 -19.09
C LEU A 224 -15.86 3.10 -19.84
N SER A 225 -16.86 2.22 -20.00
CA SER A 225 -16.72 0.98 -20.82
C SER A 225 -16.28 1.34 -22.24
N GLU A 226 -16.98 2.28 -22.89
CA GLU A 226 -16.73 2.66 -24.29
C GLU A 226 -15.32 3.27 -24.43
N ILE A 227 -14.89 4.07 -23.45
CA ILE A 227 -13.54 4.68 -23.50
C ILE A 227 -12.50 3.55 -23.58
N TRP A 228 -12.68 2.47 -22.81
CA TRP A 228 -11.74 1.31 -22.76
C TRP A 228 -12.13 0.18 -23.74
N GLY A 229 -12.80 0.49 -24.86
CA GLY A 229 -13.03 -0.49 -25.94
C GLY A 229 -14.26 -1.37 -25.73
N GLY A 230 -15.21 -1.00 -24.87
CA GLY A 230 -16.48 -1.71 -24.70
C GLY A 230 -16.35 -2.87 -23.72
N ILE A 231 -15.30 -2.92 -22.90
CA ILE A 231 -15.14 -4.00 -21.88
C ILE A 231 -16.03 -3.72 -20.68
N PRO A 232 -16.43 -4.75 -19.91
CA PRO A 232 -17.27 -4.56 -18.74
C PRO A 232 -16.61 -3.70 -17.66
N VAL A 233 -17.40 -2.76 -17.11
CA VAL A 233 -17.07 -2.02 -15.88
C VAL A 233 -17.95 -2.59 -14.78
N VAL A 234 -17.34 -3.30 -13.84
CA VAL A 234 -18.04 -4.14 -12.85
C VAL A 234 -18.02 -3.41 -11.52
N GLU A 235 -19.18 -2.89 -11.14
CA GLU A 235 -19.35 -2.07 -9.92
C GLU A 235 -19.56 -2.95 -8.71
N GLU A 236 -19.07 -2.50 -7.56
CA GLU A 236 -19.50 -3.02 -6.24
C GLU A 236 -19.74 -1.83 -5.30
N TYR A 237 -20.41 -2.11 -4.19
CA TYR A 237 -20.79 -1.15 -3.13
C TYR A 237 -20.25 -1.72 -1.82
N GLY A 238 -19.49 -0.92 -1.08
CA GLY A 238 -18.81 -1.34 0.15
C GLY A 238 -18.38 -0.17 1.01
N SER A 239 -17.71 -0.48 2.11
CA SER A 239 -17.10 0.50 3.05
C SER A 239 -16.01 -0.23 3.83
N THR A 240 -15.08 0.51 4.44
CA THR A 240 -13.99 -0.05 5.27
C THR A 240 -14.60 -0.86 6.43
N GLU A 241 -15.72 -0.41 6.98
CA GLU A 241 -16.26 -1.03 8.22
C GLU A 241 -17.15 -2.24 7.88
N THR A 242 -17.61 -2.40 6.64
CA THR A 242 -18.56 -3.49 6.24
C THR A 242 -17.94 -4.48 5.24
N GLY A 243 -16.92 -4.06 4.51
CA GLY A 243 -16.48 -4.69 3.25
C GLY A 243 -17.55 -4.56 2.18
N THR A 244 -17.45 -5.40 1.14
CA THR A 244 -18.31 -5.40 -0.05
C THR A 244 -19.70 -5.90 0.33
N ILE A 245 -20.73 -5.11 0.12
CA ILE A 245 -22.11 -5.51 0.52
C ILE A 245 -23.00 -5.71 -0.71
N ALA A 246 -22.58 -5.29 -1.90
CA ALA A 246 -23.30 -5.57 -3.15
C ALA A 246 -22.33 -5.61 -4.32
N GLY A 247 -22.65 -6.43 -5.32
CA GLY A 247 -21.86 -6.55 -6.55
C GLY A 247 -22.75 -6.64 -7.78
N GLN A 248 -22.25 -6.17 -8.91
CA GLN A 248 -22.95 -6.16 -10.22
C GLN A 248 -23.20 -7.59 -10.69
N CYS A 249 -24.35 -7.84 -11.29
CA CYS A 249 -24.66 -9.07 -12.08
C CYS A 249 -24.39 -8.76 -13.56
N PRO A 250 -24.42 -9.77 -14.46
CA PRO A 250 -24.21 -9.51 -15.88
C PRO A 250 -25.23 -8.57 -16.53
N GLU A 251 -26.38 -8.34 -15.91
CA GLU A 251 -27.44 -7.41 -16.42
C GLU A 251 -27.15 -5.97 -15.96
N GLY A 252 -26.14 -5.73 -15.14
CA GLY A 252 -25.64 -4.38 -14.80
C GLY A 252 -26.29 -3.81 -13.55
N ARG A 253 -27.04 -4.61 -12.80
CA ARG A 253 -27.60 -4.21 -11.47
C ARG A 253 -26.70 -4.74 -10.35
N MET A 254 -26.54 -3.98 -9.27
CA MET A 254 -25.84 -4.43 -8.05
C MET A 254 -26.81 -5.22 -7.19
N HIS A 255 -26.41 -6.42 -6.76
CA HIS A 255 -27.22 -7.28 -5.87
C HIS A 255 -26.57 -7.27 -4.49
N LEU A 256 -27.38 -7.11 -3.45
CA LEU A 256 -26.95 -7.16 -2.03
C LEU A 256 -26.50 -8.59 -1.71
N TRP A 257 -25.37 -8.72 -1.03
CA TRP A 257 -24.86 -10.04 -0.60
C TRP A 257 -25.58 -10.44 0.69
N ALA A 258 -26.89 -10.69 0.59
CA ALA A 258 -27.80 -10.88 1.75
C ALA A 258 -27.54 -12.21 2.45
N ASP A 259 -26.81 -13.14 1.84
CA ASP A 259 -26.40 -14.40 2.51
C ASP A 259 -25.35 -14.09 3.58
N ARG A 260 -24.64 -12.96 3.49
CA ARG A 260 -23.51 -12.62 4.40
C ARG A 260 -23.88 -11.47 5.33
N ALA A 261 -25.06 -10.88 5.17
CA ALA A 261 -25.47 -9.70 5.96
C ALA A 261 -26.97 -9.48 5.78
N ILE A 262 -27.64 -9.02 6.85
CA ILE A 262 -29.05 -8.56 6.81
C ILE A 262 -29.06 -7.09 6.43
N PHE A 263 -29.69 -6.78 5.28
CA PHE A 263 -29.83 -5.41 4.72
C PHE A 263 -31.23 -4.90 4.98
N GLU A 264 -31.32 -3.67 5.51
CA GLU A 264 -32.58 -2.98 5.79
C GLU A 264 -32.46 -1.53 5.31
N VAL A 265 -33.61 -0.91 5.03
CA VAL A 265 -33.73 0.50 4.56
C VAL A 265 -34.35 1.30 5.70
N TYR A 266 -33.65 2.33 6.16
CA TYR A 266 -33.98 3.16 7.35
C TYR A 266 -34.60 4.47 6.88
N ASP A 267 -35.80 4.77 7.35
CA ASP A 267 -36.45 6.11 7.21
C ASP A 267 -35.99 6.94 8.41
N PRO A 268 -35.11 7.95 8.21
CA PRO A 268 -34.51 8.65 9.35
C PRO A 268 -35.50 9.54 10.12
N ARG A 269 -36.65 9.88 9.52
CA ARG A 269 -37.68 10.73 10.18
C ARG A 269 -38.58 9.87 11.09
N THR A 270 -39.03 8.69 10.65
CA THR A 270 -39.91 7.79 11.45
C THR A 270 -39.07 6.77 12.23
N GLY A 271 -37.83 6.51 11.78
CA GLY A 271 -36.92 5.51 12.39
C GLY A 271 -37.29 4.08 12.04
N THR A 272 -38.25 3.87 11.13
CA THR A 272 -38.73 2.53 10.72
C THR A 272 -37.70 1.88 9.78
N LEU A 273 -37.56 0.56 9.89
CA LEU A 273 -36.67 -0.28 9.07
C LEU A 273 -37.55 -1.20 8.22
N SER A 274 -37.27 -1.24 6.92
CA SER A 274 -38.03 -2.02 5.90
C SER A 274 -37.04 -2.86 5.09
N GLU A 275 -37.48 -4.00 4.55
CA GLU A 275 -36.61 -4.92 3.77
C GLU A 275 -36.31 -4.30 2.39
N ALA A 276 -37.13 -3.37 1.93
CA ALA A 276 -36.97 -2.75 0.59
C ALA A 276 -37.47 -1.31 0.60
N GLY A 277 -37.28 -0.61 -0.53
CA GLY A 277 -37.74 0.77 -0.75
C GLY A 277 -36.58 1.76 -0.70
N ARG A 278 -36.92 3.04 -0.47
CA ARG A 278 -36.00 4.20 -0.46
C ARG A 278 -35.65 4.54 0.98
N GLY A 279 -34.39 4.88 1.26
CA GLY A 279 -33.92 5.27 2.61
C GLY A 279 -32.44 5.00 2.80
N GLN A 280 -31.99 4.98 4.05
CA GLN A 280 -30.56 4.87 4.40
C GLN A 280 -30.18 3.38 4.56
N MET A 281 -29.05 2.98 3.99
CA MET A 281 -28.58 1.57 3.95
C MET A 281 -28.16 1.14 5.36
N VAL A 282 -28.84 0.12 5.90
CA VAL A 282 -28.50 -0.48 7.22
C VAL A 282 -28.01 -1.91 6.99
N VAL A 283 -26.92 -2.28 7.66
CA VAL A 283 -26.21 -3.57 7.48
C VAL A 283 -25.99 -4.23 8.83
N THR A 284 -26.30 -5.52 8.93
CA THR A 284 -25.85 -6.39 10.04
C THR A 284 -25.03 -7.53 9.44
N PRO A 285 -23.69 -7.45 9.42
CA PRO A 285 -22.85 -8.53 8.90
C PRO A 285 -23.02 -9.79 9.76
N LEU A 286 -23.04 -10.97 9.12
CA LEU A 286 -23.32 -12.24 9.82
C LEU A 286 -22.05 -13.02 10.15
N TYR A 287 -20.95 -12.81 9.45
CA TYR A 287 -19.73 -13.65 9.56
C TYR A 287 -18.52 -12.81 9.94
N ARG A 288 -18.60 -12.12 11.08
CA ARG A 288 -17.47 -11.36 11.65
C ARG A 288 -17.47 -11.50 13.16
N ASP A 289 -16.28 -11.71 13.72
CA ASP A 289 -16.08 -11.91 15.17
C ASP A 289 -15.50 -10.64 15.81
N ALA A 290 -14.57 -9.94 15.16
CA ALA A 290 -13.74 -8.92 15.84
C ALA A 290 -14.58 -7.67 16.16
N MET A 291 -15.36 -7.22 15.18
N MET A 291 -15.35 -7.21 15.17
CA MET A 291 -16.07 -5.92 15.25
CA MET A 291 -16.08 -5.92 15.26
C MET A 291 -17.54 -6.10 14.86
C MET A 291 -17.54 -6.11 14.86
N PRO A 292 -18.34 -6.78 15.72
CA PRO A 292 -19.77 -6.92 15.47
C PRO A 292 -20.47 -5.58 15.27
N LEU A 293 -21.38 -5.54 14.30
CA LEU A 293 -22.22 -4.37 13.98
C LEU A 293 -23.68 -4.83 13.92
N LEU A 294 -24.51 -4.23 14.76
CA LEU A 294 -25.97 -4.46 14.79
C LEU A 294 -26.63 -3.26 14.10
N ARG A 295 -27.22 -3.51 12.94
CA ARG A 295 -28.00 -2.51 12.19
C ARG A 295 -27.17 -1.23 12.05
N TYR A 296 -26.00 -1.37 11.45
CA TYR A 296 -25.07 -0.24 11.22
C TYR A 296 -25.60 0.57 10.04
N ASN A 297 -25.85 1.87 10.27
CA ASN A 297 -26.40 2.81 9.27
C ASN A 297 -25.23 3.47 8.55
N LEU A 298 -24.93 3.02 7.32
CA LEU A 298 -23.93 3.64 6.42
C LEU A 298 -24.35 5.07 6.09
N ALA A 299 -25.63 5.40 6.28
CA ALA A 299 -26.23 6.73 6.01
C ALA A 299 -26.09 7.06 4.52
N ASP A 300 -26.01 6.06 3.64
CA ASP A 300 -26.12 6.25 2.17
C ASP A 300 -27.59 6.18 1.78
N ASP A 301 -28.05 7.07 0.92
CA ASP A 301 -29.41 7.06 0.35
C ASP A 301 -29.43 5.96 -0.73
N VAL A 302 -30.28 4.96 -0.57
CA VAL A 302 -30.32 3.80 -1.49
C VAL A 302 -31.77 3.51 -1.86
N GLU A 303 -31.99 2.84 -2.99
CA GLU A 303 -33.29 2.20 -3.31
C GLU A 303 -33.02 0.69 -3.45
N VAL A 304 -33.58 -0.09 -2.54
CA VAL A 304 -33.53 -1.58 -2.55
C VAL A 304 -34.81 -2.08 -3.20
N SER A 305 -34.70 -2.98 -4.18
CA SER A 305 -35.84 -3.63 -4.87
C SER A 305 -35.71 -5.16 -4.78
N THR A 306 -36.85 -5.81 -4.55
CA THR A 306 -37.03 -7.28 -4.48
C THR A 306 -37.38 -7.84 -5.86
N ASP A 307 -37.55 -6.99 -6.89
CA ASP A 307 -37.98 -7.40 -8.24
C ASP A 307 -36.96 -8.38 -8.83
N PRO A 308 -37.39 -9.54 -9.39
CA PRO A 308 -36.44 -10.49 -9.95
C PRO A 308 -35.64 -9.86 -11.09
N CYS A 309 -34.40 -10.33 -11.27
CA CYS A 309 -33.47 -9.84 -12.31
C CYS A 309 -33.23 -10.96 -13.33
N GLY A 310 -33.03 -10.59 -14.60
CA GLY A 310 -32.66 -11.50 -15.71
C GLY A 310 -31.45 -12.37 -15.43
N CYS A 311 -30.58 -11.97 -14.48
CA CYS A 311 -29.37 -12.73 -14.08
C CYS A 311 -29.75 -14.03 -13.34
N GLY A 312 -30.93 -14.08 -12.73
CA GLY A 312 -31.43 -15.27 -12.01
C GLY A 312 -30.81 -15.42 -10.64
N TRP A 313 -30.00 -14.46 -10.16
CA TRP A 313 -29.54 -14.44 -8.74
C TRP A 313 -30.74 -14.10 -7.87
N LEU A 314 -30.98 -14.89 -6.82
CA LEU A 314 -32.16 -14.70 -5.93
C LEU A 314 -31.77 -13.73 -4.80
N LEU A 315 -31.50 -12.48 -5.17
CA LEU A 315 -31.00 -11.43 -4.26
C LEU A 315 -31.60 -10.09 -4.66
N PRO A 316 -32.01 -9.24 -3.69
CA PRO A 316 -32.48 -7.89 -4.01
C PRO A 316 -31.38 -7.06 -4.66
N THR A 317 -31.79 -6.10 -5.50
CA THR A 317 -30.88 -5.15 -6.18
C THR A 317 -30.87 -3.86 -5.37
N VAL A 318 -29.80 -3.07 -5.52
CA VAL A 318 -29.64 -1.78 -4.81
C VAL A 318 -29.07 -0.76 -5.80
N THR A 319 -29.67 0.42 -5.82
CA THR A 319 -29.09 1.65 -6.42
C THR A 319 -28.62 2.57 -5.29
N VAL A 320 -27.41 3.10 -5.39
CA VAL A 320 -26.80 4.00 -4.37
C VAL A 320 -26.79 5.41 -4.95
N LEU A 321 -27.69 6.27 -4.47
CA LEU A 321 -27.70 7.72 -4.77
C LEU A 321 -26.61 8.40 -3.92
N GLY A 322 -26.58 8.12 -2.61
CA GLY A 322 -25.61 8.69 -1.66
C GLY A 322 -25.71 10.21 -1.52
N ARG A 323 -24.57 10.88 -1.50
CA ARG A 323 -24.46 12.37 -1.40
C ARG A 323 -24.87 12.98 -2.75
N ALA A 324 -24.70 12.22 -3.85
CA ALA A 324 -25.02 12.61 -5.25
C ALA A 324 -26.54 12.57 -5.51
N GLY A 325 -27.32 12.07 -4.53
CA GLY A 325 -28.81 12.03 -4.54
C GLY A 325 -29.45 13.25 -3.91
N THR A 326 -28.69 14.02 -3.11
CA THR A 326 -29.22 15.14 -2.27
C THR A 326 -29.33 16.42 -3.11
N GLY A 327 -30.57 16.87 -3.33
CA GLY A 327 -30.93 18.01 -4.20
C GLY A 327 -30.31 19.33 -3.76
N HIS A 328 -30.10 20.24 -4.72
CA HIS A 328 -29.81 21.67 -4.52
C HIS A 328 -30.85 22.44 -5.32
N ARG A 329 -31.56 23.39 -4.69
CA ARG A 329 -32.53 24.27 -5.38
C ARG A 329 -31.71 25.36 -6.06
N ILE A 330 -31.94 25.63 -7.35
CA ILE A 330 -31.19 26.67 -8.10
C ILE A 330 -32.23 27.58 -8.77
N GLY A 331 -32.78 27.16 -9.91
CA GLY A 331 -33.86 27.93 -10.56
C GLY A 331 -35.17 27.72 -9.81
N PRO A 332 -36.26 27.38 -10.53
CA PRO A 332 -37.38 26.66 -9.92
C PRO A 332 -36.99 25.22 -9.58
N ALA A 333 -35.90 24.71 -10.19
CA ALA A 333 -35.58 23.25 -10.27
C ALA A 333 -34.61 22.81 -9.15
N THR A 334 -34.59 21.50 -8.90
CA THR A 334 -33.69 20.79 -7.94
C THR A 334 -32.67 20.00 -8.76
N VAL A 335 -31.37 20.17 -8.48
CA VAL A 335 -30.28 19.51 -9.25
C VAL A 335 -29.49 18.59 -8.32
N THR A 336 -29.38 17.32 -8.72
CA THR A 336 -28.57 16.27 -8.07
C THR A 336 -27.28 16.11 -8.88
N GLN A 337 -26.19 15.73 -8.22
CA GLN A 337 -24.95 15.34 -8.92
C GLN A 337 -25.26 14.25 -9.94
N GLN A 338 -26.14 13.30 -9.60
N GLN A 338 -26.13 13.30 -9.60
CA GLN A 338 -26.42 12.11 -10.46
CA GLN A 338 -26.44 12.11 -10.45
C GLN A 338 -27.11 12.58 -11.74
C GLN A 338 -27.11 12.58 -11.74
N ARG A 339 -28.04 13.54 -11.65
CA ARG A 339 -28.74 14.06 -12.84
C ARG A 339 -27.76 14.83 -13.75
N LEU A 340 -26.91 15.69 -13.19
CA LEU A 340 -25.86 16.43 -13.96
C LEU A 340 -24.94 15.42 -14.64
N GLU A 341 -24.49 14.41 -13.90
CA GLU A 341 -23.55 13.37 -14.44
C GLU A 341 -24.17 12.73 -15.69
N GLU A 342 -25.44 12.38 -15.65
CA GLU A 342 -26.16 11.75 -16.80
C GLU A 342 -26.15 12.67 -18.02
N LEU A 343 -26.25 13.99 -17.83
CA LEU A 343 -26.26 14.96 -18.96
C LEU A 343 -24.82 15.14 -19.47
N VAL A 344 -23.84 15.31 -18.60
CA VAL A 344 -22.42 15.47 -19.00
C VAL A 344 -22.00 14.24 -19.85
N PHE A 345 -22.30 13.02 -19.38
CA PHE A 345 -21.84 11.77 -20.04
C PHE A 345 -22.80 11.32 -21.15
N SER A 346 -23.82 12.11 -21.46
CA SER A 346 -24.68 11.92 -22.65
C SER A 346 -24.14 12.72 -23.84
N LEU A 347 -23.18 13.63 -23.62
CA LEU A 347 -22.43 14.25 -24.75
C LEU A 347 -21.76 13.13 -25.55
N PRO A 348 -21.67 13.22 -26.89
CA PRO A 348 -20.98 12.22 -27.69
C PRO A 348 -19.58 11.90 -27.16
N ALA A 349 -19.22 10.62 -27.13
CA ALA A 349 -17.90 10.09 -26.71
C ALA A 349 -16.77 10.85 -27.42
N ALA A 350 -16.94 11.19 -28.70
CA ALA A 350 -15.88 11.79 -29.54
C ALA A 350 -15.52 13.19 -29.01
N TYR A 351 -16.36 13.86 -28.21
CA TYR A 351 -16.03 15.18 -27.60
C TYR A 351 -15.02 15.06 -26.46
N GLU A 352 -14.82 13.85 -25.93
N GLU A 352 -14.80 13.85 -25.93
CA GLU A 352 -13.82 13.49 -24.88
CA GLU A 352 -13.80 13.51 -24.89
C GLU A 352 -14.08 14.31 -23.60
C GLU A 352 -14.08 14.31 -23.60
N VAL A 353 -15.35 14.55 -23.25
CA VAL A 353 -15.68 15.25 -21.98
C VAL A 353 -15.75 14.21 -20.88
N MET A 354 -14.77 14.25 -19.97
CA MET A 354 -14.61 13.29 -18.85
C MET A 354 -14.46 14.04 -17.53
N PHE A 355 -13.86 15.22 -17.55
CA PHE A 355 -13.51 15.97 -16.33
C PHE A 355 -14.33 17.25 -16.30
N TRP A 356 -15.08 17.41 -15.21
CA TRP A 356 -16.03 18.53 -15.05
C TRP A 356 -16.20 18.81 -13.57
N ARG A 357 -16.81 19.93 -13.26
CA ARG A 357 -17.23 20.22 -11.87
C ARG A 357 -18.30 21.29 -11.97
N ALA A 358 -19.16 21.34 -10.95
CA ALA A 358 -20.30 22.27 -10.93
C ALA A 358 -20.43 22.83 -9.52
N LYS A 359 -20.94 24.06 -9.44
CA LYS A 359 -21.23 24.74 -8.17
C LYS A 359 -22.68 25.22 -8.25
N ALA A 360 -23.50 24.79 -7.29
CA ALA A 360 -24.88 25.26 -7.13
C ALA A 360 -24.84 26.62 -6.42
N HIS A 361 -25.17 27.70 -7.13
CA HIS A 361 -25.49 29.01 -6.52
C HIS A 361 -27.01 29.06 -6.38
N PRO A 362 -27.57 29.91 -5.48
CA PRO A 362 -29.03 30.00 -5.35
C PRO A 362 -29.73 30.31 -6.68
N ASP A 363 -29.09 31.06 -7.58
CA ASP A 363 -29.72 31.60 -8.82
C ASP A 363 -29.29 30.79 -10.06
N VAL A 364 -28.12 30.16 -10.06
CA VAL A 364 -27.50 29.68 -11.33
C VAL A 364 -26.60 28.47 -11.06
N LEU A 365 -26.53 27.55 -12.03
CA LEU A 365 -25.59 26.41 -11.99
C LEU A 365 -24.32 26.80 -12.75
N GLU A 366 -23.20 26.90 -12.04
CA GLU A 366 -21.87 27.13 -12.62
C GLU A 366 -21.26 25.76 -12.93
N LEU A 367 -20.88 25.51 -14.17
CA LEU A 367 -20.34 24.21 -14.60
C LEU A 367 -19.18 24.45 -15.56
N GLU A 368 -18.06 23.79 -15.29
CA GLU A 368 -16.80 23.81 -16.10
C GLU A 368 -16.48 22.39 -16.53
N PHE A 369 -15.94 22.20 -17.72
CA PHE A 369 -15.48 20.87 -18.17
C PHE A 369 -14.35 21.05 -19.17
N GLU A 370 -13.49 20.04 -19.29
CA GLU A 370 -12.41 20.04 -20.31
C GLU A 370 -12.96 19.43 -21.60
N ALA A 371 -12.67 20.07 -22.71
CA ALA A 371 -12.91 19.51 -24.04
C ALA A 371 -11.86 20.08 -24.96
N PRO A 372 -11.22 19.24 -25.79
CA PRO A 372 -10.11 19.69 -26.62
C PRO A 372 -10.74 20.65 -27.62
N GLU A 373 -9.98 21.63 -28.12
CA GLU A 373 -10.30 22.27 -29.42
C GLU A 373 -10.29 21.18 -30.48
N PRO A 374 -11.12 21.20 -31.54
CA PRO A 374 -12.21 22.17 -31.72
C PRO A 374 -13.67 21.74 -31.53
N VAL A 375 -13.98 20.93 -30.51
CA VAL A 375 -15.38 20.48 -30.20
C VAL A 375 -15.97 21.29 -29.04
N ARG A 376 -15.16 22.15 -28.42
CA ARG A 376 -15.49 22.83 -27.15
C ARG A 376 -16.82 23.59 -27.27
N GLN A 377 -17.06 24.41 -28.30
CA GLN A 377 -18.27 25.28 -28.35
C GLN A 377 -19.50 24.43 -28.68
N ARG A 378 -19.36 23.37 -29.48
CA ARG A 378 -20.44 22.36 -29.68
C ARG A 378 -20.83 21.76 -28.32
N ALA A 379 -19.83 21.37 -27.51
CA ALA A 379 -20.03 20.66 -26.22
C ALA A 379 -20.75 21.63 -25.27
N VAL A 380 -20.29 22.88 -25.20
CA VAL A 380 -20.91 23.93 -24.35
C VAL A 380 -22.37 24.11 -24.76
N LYS A 381 -22.64 24.19 -26.06
CA LYS A 381 -24.00 24.46 -26.58
C LYS A 381 -24.91 23.26 -26.28
N GLU A 382 -24.46 22.05 -26.60
CA GLU A 382 -25.29 20.81 -26.43
C GLU A 382 -25.58 20.60 -24.94
N LEU A 383 -24.59 20.80 -24.08
CA LEU A 383 -24.78 20.58 -22.62
C LEU A 383 -25.76 21.63 -22.09
N GLY A 384 -25.65 22.89 -22.54
CA GLY A 384 -26.63 23.95 -22.22
C GLY A 384 -28.04 23.57 -22.64
N ALA A 385 -28.21 23.05 -23.87
CA ALA A 385 -29.53 22.64 -24.39
C ALA A 385 -30.07 21.48 -23.52
N ALA A 386 -29.21 20.54 -23.15
CA ALA A 386 -29.57 19.39 -22.30
C ALA A 386 -30.06 19.90 -20.93
N LEU A 387 -29.36 20.86 -20.32
CA LEU A 387 -29.74 21.45 -19.02
C LEU A 387 -31.09 22.16 -19.18
N ASP A 388 -31.28 22.89 -20.28
CA ASP A 388 -32.57 23.60 -20.59
C ASP A 388 -33.70 22.56 -20.65
N ARG A 389 -33.56 21.54 -21.51
CA ARG A 389 -34.60 20.51 -21.79
C ARG A 389 -34.92 19.70 -20.53
N GLU A 390 -33.91 19.33 -19.74
CA GLU A 390 -34.05 18.29 -18.68
C GLU A 390 -34.28 18.91 -17.31
N LEU A 391 -33.66 20.05 -16.99
CA LEU A 391 -33.71 20.64 -15.62
C LEU A 391 -34.39 22.01 -15.62
N GLY A 392 -34.23 22.81 -16.67
CA GLY A 392 -34.73 24.19 -16.76
C GLY A 392 -34.00 25.14 -15.81
N VAL A 393 -32.83 24.77 -15.30
CA VAL A 393 -32.05 25.67 -14.39
C VAL A 393 -31.26 26.67 -15.23
N PRO A 394 -31.14 27.92 -14.76
CA PRO A 394 -30.18 28.87 -15.33
C PRO A 394 -28.77 28.29 -15.10
N HIS A 395 -27.88 28.43 -16.09
CA HIS A 395 -26.52 27.83 -16.06
C HIS A 395 -25.51 28.83 -16.58
N ARG A 396 -24.26 28.71 -16.13
CA ARG A 396 -23.08 29.39 -16.70
C ARG A 396 -22.04 28.30 -16.96
N ILE A 397 -22.00 27.80 -18.20
CA ILE A 397 -21.11 26.69 -18.64
C ILE A 397 -19.88 27.27 -19.34
N THR A 398 -18.68 26.84 -18.91
CA THR A 398 -17.37 27.19 -19.50
C THR A 398 -16.64 25.90 -19.92
N GLY A 399 -16.35 25.76 -21.21
CA GLY A 399 -15.39 24.77 -21.72
C GLY A 399 -13.96 25.22 -21.45
N LEU A 400 -13.12 24.32 -20.95
CA LEU A 400 -11.71 24.60 -20.57
C LEU A 400 -10.80 23.76 -21.46
N ALA A 401 -9.57 24.20 -21.69
CA ALA A 401 -8.52 23.41 -22.36
C ALA A 401 -8.22 22.18 -21.51
N PRO A 402 -8.02 20.97 -22.11
CA PRO A 402 -7.45 19.87 -21.33
C PRO A 402 -6.17 20.37 -20.65
N GLY A 403 -5.90 19.90 -19.45
CA GLY A 403 -4.74 20.34 -18.65
C GLY A 403 -5.13 21.38 -17.63
N THR A 404 -6.38 21.85 -17.64
CA THR A 404 -6.89 22.90 -16.72
C THR A 404 -7.37 22.25 -15.42
N LEU A 405 -8.28 21.28 -15.47
CA LEU A 405 -8.83 20.62 -14.25
C LEU A 405 -7.93 19.46 -13.83
N VAL A 406 -7.38 18.75 -14.81
CA VAL A 406 -6.43 17.63 -14.62
C VAL A 406 -5.12 18.02 -15.30
N PRO A 407 -4.11 18.51 -14.53
CA PRO A 407 -2.89 19.03 -15.11
C PRO A 407 -2.13 17.95 -15.88
N ALA A 408 -1.49 18.35 -16.97
CA ALA A 408 -0.62 17.49 -17.80
C ALA A 408 0.40 16.76 -16.89
N GLU A 409 0.92 17.42 -15.86
CA GLU A 409 1.93 16.84 -14.92
C GLU A 409 1.39 15.56 -14.28
N ALA A 410 0.13 15.58 -13.85
CA ALA A 410 -0.53 14.41 -13.20
C ALA A 410 -0.53 13.24 -14.19
N LEU A 411 -0.63 13.52 -15.48
CA LEU A 411 -0.79 12.45 -16.52
C LEU A 411 0.56 11.95 -17.01
N THR A 412 1.61 12.78 -17.00
CA THR A 412 2.89 12.40 -17.66
C THR A 412 4.05 12.27 -16.66
N ALA A 413 3.99 12.92 -15.50
CA ALA A 413 5.17 12.99 -14.59
C ALA A 413 5.58 11.58 -14.18
N GLN A 414 6.86 11.26 -14.34
CA GLN A 414 7.47 10.00 -13.82
C GLN A 414 8.24 10.41 -12.58
N ARG A 415 8.33 9.54 -11.59
CA ARG A 415 9.09 9.86 -10.37
C ARG A 415 9.91 8.63 -9.99
N ASP A 416 11.24 8.79 -10.00
CA ASP A 416 12.20 7.83 -9.40
C ASP A 416 11.79 7.57 -7.94
N ILE A 417 11.93 6.34 -7.47
CA ILE A 417 11.65 5.97 -6.05
C ILE A 417 13.01 6.02 -5.32
N LEU A 418 13.31 7.20 -4.77
CA LEU A 418 14.61 7.49 -4.10
C LEU A 418 14.53 7.06 -2.63
N LYS A 419 15.70 6.90 -2.02
CA LYS A 419 15.87 6.74 -0.56
C LYS A 419 16.64 7.96 -0.06
N ALA A 420 16.59 8.19 1.24
CA ALA A 420 17.37 9.25 1.91
C ALA A 420 18.83 9.14 1.45
N ARG A 421 19.43 10.27 1.11
CA ARG A 421 20.86 10.39 0.75
C ARG A 421 21.40 11.58 1.54
N TYR A 422 22.59 11.45 2.12
CA TYR A 422 23.13 12.49 3.03
C TYR A 422 24.37 13.14 2.41
N LEU A 423 25.16 12.42 1.62
CA LEU A 423 26.38 12.94 0.96
C LEU A 423 26.16 13.01 -0.55
N PHE A 424 26.31 14.19 -1.15
CA PHE A 424 26.09 14.46 -2.59
C PHE A 424 27.38 14.92 -3.26
N ALA A 425 27.52 14.65 -4.55
CA ALA A 425 28.55 15.26 -5.43
C ALA A 425 28.13 16.69 -5.77
N GLU A 426 29.08 17.53 -6.17
CA GLU A 426 28.87 18.98 -6.45
C GLU A 426 27.71 19.19 -7.42
N ASP A 427 27.63 18.38 -8.48
CA ASP A 427 26.70 18.60 -9.62
C ASP A 427 25.31 18.05 -9.29
N GLU A 428 25.14 17.33 -8.17
CA GLU A 428 23.85 16.70 -7.77
C GLU A 428 22.99 17.72 -7.03
N ASP A 429 21.66 17.59 -7.17
CA ASP A 429 20.66 18.34 -6.39
C ASP A 429 20.54 17.66 -5.02
N TRP A 430 20.92 18.33 -3.94
CA TRP A 430 20.86 17.76 -2.56
C TRP A 430 19.52 18.06 -1.89
N ASP A 431 18.55 18.61 -2.62
CA ASP A 431 17.20 18.93 -2.08
C ASP A 431 16.45 17.63 -1.75
N LYS A 432 16.89 16.49 -2.29
CA LYS A 432 16.26 15.15 -2.08
C LYS A 432 16.91 14.41 -0.89
N ALA A 433 17.70 15.11 -0.06
CA ALA A 433 18.50 14.49 1.02
C ALA A 433 17.57 13.76 2.00
N VAL A 434 16.79 14.53 2.77
N VAL A 434 16.79 14.53 2.77
CA VAL A 434 15.89 14.02 3.84
CA VAL A 434 15.88 14.01 3.85
C VAL A 434 14.46 13.91 3.30
C VAL A 434 14.45 13.92 3.31
N MET A 435 14.03 14.86 2.44
CA MET A 435 12.67 14.89 1.81
C MET A 435 12.76 14.27 0.42
N TYR A 436 12.86 12.94 0.35
CA TYR A 436 13.27 12.15 -0.85
C TYR A 436 12.04 11.58 -1.57
N PHE A 437 10.84 11.77 -1.02
CA PHE A 437 9.58 11.21 -1.56
C PHE A 437 9.23 11.86 -2.91
N ALA B 1 6.94 -29.60 14.46
CA ALA B 1 6.88 -29.55 12.95
C ALA B 1 8.02 -30.39 12.37
N MET B 2 7.95 -31.72 12.55
CA MET B 2 8.77 -32.73 11.81
C MET B 2 8.55 -32.52 10.31
N SER B 3 7.46 -31.83 9.98
CA SER B 3 6.82 -31.68 8.64
C SER B 3 7.42 -30.55 7.80
N ARG B 4 8.07 -29.53 8.39
CA ARG B 4 8.43 -28.30 7.64
C ARG B 4 9.66 -28.58 6.74
N SER B 5 9.65 -27.97 5.56
CA SER B 5 10.50 -28.33 4.39
C SER B 5 11.62 -27.31 4.19
N ARG B 6 11.63 -26.19 4.93
CA ARG B 6 12.73 -25.18 4.85
C ARG B 6 13.46 -25.12 6.19
N PRO B 7 14.79 -24.92 6.16
CA PRO B 7 15.58 -24.91 7.39
C PRO B 7 15.30 -23.72 8.32
N GLU B 8 15.54 -23.93 9.61
CA GLU B 8 15.40 -22.96 10.72
C GLU B 8 16.75 -22.83 11.41
N LEU B 9 17.05 -21.65 11.95
CA LEU B 9 18.19 -21.43 12.85
C LEU B 9 18.24 -22.61 13.83
N GLY B 10 19.38 -23.27 13.95
CA GLY B 10 19.54 -24.39 14.90
C GLY B 10 19.45 -25.75 14.22
N ASP B 11 19.10 -25.84 12.93
CA ASP B 11 19.04 -27.14 12.19
C ASP B 11 20.44 -27.65 11.85
N TRP B 12 21.44 -26.78 11.85
CA TRP B 12 22.86 -27.13 11.54
C TRP B 12 23.70 -26.85 12.78
N SER B 13 24.68 -27.72 13.07
CA SER B 13 25.53 -27.64 14.27
C SER B 13 26.94 -27.17 13.90
N SER B 14 27.24 -27.03 12.61
CA SER B 14 28.58 -26.67 12.08
C SER B 14 28.46 -26.05 10.70
N PRO B 15 29.50 -25.30 10.23
CA PRO B 15 29.53 -24.79 8.85
C PRO B 15 29.48 -25.90 7.77
N ALA B 16 30.08 -27.06 8.03
CA ALA B 16 30.03 -28.21 7.10
C ALA B 16 28.57 -28.64 6.89
N GLU B 17 27.78 -28.70 7.96
CA GLU B 17 26.36 -29.10 7.89
C GLU B 17 25.55 -28.02 7.12
N LEU B 18 25.87 -26.75 7.35
CA LEU B 18 25.22 -25.62 6.62
C LEU B 18 25.52 -25.76 5.12
N ALA B 19 26.79 -25.98 4.76
CA ALA B 19 27.22 -26.16 3.36
C ALA B 19 26.43 -27.31 2.71
N GLU B 20 26.14 -28.37 3.46
CA GLU B 20 25.38 -29.54 2.95
C GLU B 20 23.90 -29.17 2.75
N LEU B 21 23.28 -28.45 3.68
CA LEU B 21 21.88 -27.97 3.51
C LEU B 21 21.78 -27.20 2.19
N GLN B 22 22.83 -26.48 1.81
CA GLN B 22 22.83 -25.60 0.60
C GLN B 22 23.00 -26.47 -0.65
N ARG B 23 24.05 -27.28 -0.69
CA ARG B 23 24.44 -28.05 -1.91
C ARG B 23 23.31 -29.03 -2.28
N SER B 24 22.58 -29.56 -1.29
CA SER B 24 21.48 -30.54 -1.51
C SER B 24 20.31 -29.88 -2.27
N GLN B 25 20.21 -28.55 -2.28
CA GLN B 25 19.14 -27.82 -3.02
C GLN B 25 19.57 -27.49 -4.47
N LEU B 26 20.87 -27.52 -4.78
CA LEU B 26 21.40 -26.95 -6.06
C LEU B 26 20.90 -27.69 -7.29
N PRO B 27 20.78 -29.04 -7.33
CA PRO B 27 20.15 -29.70 -8.48
C PRO B 27 18.74 -29.17 -8.78
N ARG B 28 17.87 -29.03 -7.78
CA ARG B 28 16.50 -28.47 -8.00
C ARG B 28 16.64 -27.03 -8.54
N VAL B 29 17.52 -26.24 -7.94
CA VAL B 29 17.66 -24.78 -8.21
C VAL B 29 18.16 -24.61 -9.65
N LEU B 30 19.13 -25.43 -10.06
CA LEU B 30 19.75 -25.34 -11.40
C LEU B 30 18.76 -25.79 -12.49
N ALA B 31 17.98 -26.85 -12.23
CA ALA B 31 16.92 -27.32 -13.14
C ALA B 31 15.82 -26.25 -13.28
N GLN B 32 15.48 -25.56 -12.19
CA GLN B 32 14.41 -24.53 -12.22
C GLN B 32 14.91 -23.31 -13.01
N ALA B 33 16.14 -22.85 -12.78
CA ALA B 33 16.75 -21.69 -13.47
C ALA B 33 16.67 -21.89 -15.00
N LEU B 34 16.92 -23.11 -15.47
CA LEU B 34 17.00 -23.40 -16.93
C LEU B 34 15.62 -23.26 -17.61
N ARG B 35 14.54 -23.24 -16.84
CA ARG B 35 13.17 -23.13 -17.38
C ARG B 35 12.90 -21.67 -17.78
N SER B 36 13.66 -20.71 -17.26
CA SER B 36 13.47 -19.27 -17.59
C SER B 36 14.08 -19.01 -18.96
N PRO B 37 13.45 -18.15 -19.80
CA PRO B 37 14.02 -17.75 -21.07
C PRO B 37 15.46 -17.20 -20.97
N PHE B 38 15.78 -16.47 -19.90
CA PHE B 38 17.11 -15.83 -19.73
C PHE B 38 18.19 -16.91 -19.59
N TYR B 39 18.01 -17.90 -18.71
CA TYR B 39 19.04 -18.95 -18.48
C TYR B 39 19.03 -19.96 -19.65
N ALA B 40 17.86 -20.27 -20.21
CA ALA B 40 17.76 -21.16 -21.39
C ALA B 40 18.58 -20.55 -22.55
N ALA B 41 18.49 -19.22 -22.75
CA ALA B 41 19.27 -18.49 -23.78
C ALA B 41 20.76 -18.48 -23.41
N ARG B 42 21.08 -18.22 -22.14
CA ARG B 42 22.49 -18.17 -21.64
C ARG B 42 23.22 -19.47 -21.97
N TYR B 43 22.57 -20.64 -21.81
CA TYR B 43 23.23 -21.97 -21.93
C TYR B 43 22.79 -22.70 -23.21
N ARG B 44 22.18 -21.97 -24.15
CA ARG B 44 21.83 -22.47 -25.50
C ARG B 44 23.14 -22.95 -26.17
N GLY B 45 23.11 -24.13 -26.78
CA GLY B 45 24.25 -24.68 -27.52
C GLY B 45 25.33 -25.30 -26.63
N THR B 46 25.23 -25.14 -25.29
CA THR B 46 26.18 -25.73 -24.30
C THR B 46 25.41 -26.70 -23.40
N THR B 47 26.14 -27.48 -22.57
CA THR B 47 25.54 -28.34 -21.51
C THR B 47 25.32 -27.44 -20.29
N PRO B 48 24.08 -27.31 -19.80
CA PRO B 48 23.81 -26.45 -18.65
C PRO B 48 24.37 -27.02 -17.36
N PRO B 49 24.59 -26.20 -16.31
CA PRO B 49 24.96 -26.72 -15.00
C PRO B 49 23.78 -27.51 -14.38
N ARG B 50 24.06 -28.68 -13.79
CA ARG B 50 23.03 -29.61 -13.22
C ARG B 50 23.33 -29.96 -11.75
N THR B 51 24.61 -30.02 -11.37
CA THR B 51 25.07 -30.59 -10.07
C THR B 51 25.62 -29.48 -9.18
N ALA B 52 25.78 -29.77 -7.89
CA ALA B 52 26.37 -28.88 -6.88
C ALA B 52 27.76 -28.44 -7.34
N ASP B 53 28.56 -29.34 -7.90
CA ASP B 53 29.96 -29.06 -8.33
C ASP B 53 29.96 -28.09 -9.51
N ASP B 54 29.04 -28.26 -10.47
CA ASP B 54 28.84 -27.38 -11.66
C ASP B 54 28.64 -25.92 -11.25
N PHE B 55 28.04 -25.68 -10.07
CA PHE B 55 27.69 -24.32 -9.58
C PHE B 55 28.93 -23.43 -9.50
N ALA B 56 30.11 -23.97 -9.15
CA ALA B 56 31.35 -23.17 -9.01
C ALA B 56 31.66 -22.46 -10.34
N GLY B 57 31.20 -23.02 -11.46
CA GLY B 57 31.47 -22.50 -12.82
C GLY B 57 30.42 -21.52 -13.32
N VAL B 58 29.39 -21.23 -12.52
CA VAL B 58 28.19 -20.47 -12.98
C VAL B 58 28.53 -18.98 -13.07
N GLU B 59 28.16 -18.36 -14.20
CA GLU B 59 28.38 -16.93 -14.49
C GLU B 59 27.43 -16.08 -13.64
N VAL B 60 27.92 -14.94 -13.17
CA VAL B 60 27.20 -13.89 -12.41
C VAL B 60 26.00 -13.41 -13.22
N THR B 61 24.88 -13.14 -12.54
CA THR B 61 23.69 -12.47 -13.11
C THR B 61 23.70 -11.03 -12.59
N ALA B 62 23.72 -10.05 -13.49
CA ALA B 62 23.86 -8.61 -13.15
C ALA B 62 22.48 -7.96 -13.13
N LYS B 63 22.34 -6.84 -12.42
CA LYS B 63 21.12 -6.00 -12.42
C LYS B 63 20.73 -5.67 -13.86
N GLN B 64 21.71 -5.38 -14.72
CA GLN B 64 21.44 -4.97 -16.11
C GLN B 64 20.75 -6.13 -16.83
N ASP B 65 21.06 -7.38 -16.46
CA ASP B 65 20.39 -8.57 -17.03
C ASP B 65 18.91 -8.54 -16.67
N LEU B 66 18.59 -8.30 -15.39
CA LEU B 66 17.19 -8.23 -14.92
C LEU B 66 16.47 -7.09 -15.65
N ARG B 67 17.11 -5.94 -15.85
CA ARG B 67 16.48 -4.79 -16.58
C ARG B 67 16.23 -5.18 -18.04
N ASP B 68 17.22 -5.80 -18.69
CA ASP B 68 17.13 -6.22 -20.12
C ASP B 68 16.00 -7.23 -20.30
N GLN B 69 15.73 -8.05 -19.29
CA GLN B 69 14.72 -9.14 -19.37
C GLN B 69 13.34 -8.64 -18.94
N TYR B 70 13.16 -7.36 -18.65
CA TYR B 70 11.85 -6.80 -18.25
C TYR B 70 10.79 -7.04 -19.32
N PRO B 71 9.56 -7.49 -18.99
CA PRO B 71 9.15 -7.85 -17.63
C PRO B 71 9.36 -9.31 -17.16
N PHE B 72 9.24 -10.32 -18.02
CA PHE B 72 9.13 -11.75 -17.58
C PHE B 72 10.18 -12.68 -18.21
N GLY B 73 11.34 -12.15 -18.60
CA GLY B 73 12.44 -12.97 -19.14
C GLY B 73 13.09 -13.89 -18.11
N MET B 74 12.97 -13.57 -16.81
N MET B 74 12.94 -13.57 -16.83
CA MET B 74 13.53 -14.39 -15.71
CA MET B 74 13.49 -14.34 -15.69
C MET B 74 12.46 -15.38 -15.19
C MET B 74 12.45 -15.35 -15.18
N LEU B 75 11.31 -15.48 -15.85
CA LEU B 75 10.15 -16.27 -15.32
C LEU B 75 10.32 -17.75 -15.68
N ALA B 76 10.25 -18.64 -14.69
CA ALA B 76 10.46 -20.10 -14.85
C ALA B 76 9.18 -20.91 -14.65
N VAL B 77 8.07 -20.28 -14.25
CA VAL B 77 6.76 -20.98 -14.07
C VAL B 77 5.72 -20.31 -14.97
N GLY B 78 4.61 -20.99 -15.24
CA GLY B 78 3.43 -20.35 -15.87
C GLY B 78 3.00 -19.14 -15.06
N ARG B 79 2.57 -18.07 -15.71
CA ARG B 79 2.09 -16.84 -15.01
C ARG B 79 0.93 -17.17 -14.07
N GLU B 80 0.20 -18.24 -14.36
CA GLU B 80 -0.98 -18.66 -13.55
C GLU B 80 -0.51 -18.94 -12.12
N HIS B 81 0.76 -19.32 -11.94
CA HIS B 81 1.32 -19.67 -10.61
C HIS B 81 1.85 -18.45 -9.84
N LEU B 82 1.89 -17.25 -10.44
CA LEU B 82 2.39 -16.04 -9.72
C LEU B 82 1.32 -15.60 -8.70
N ALA B 83 1.74 -15.23 -7.49
CA ALA B 83 0.86 -14.61 -6.46
C ALA B 83 0.94 -13.09 -6.56
N THR B 84 2.14 -12.53 -6.60
CA THR B 84 2.34 -11.05 -6.69
C THR B 84 3.50 -10.73 -7.62
N TYR B 85 3.47 -9.50 -8.11
CA TYR B 85 4.44 -8.91 -9.05
C TYR B 85 4.91 -7.60 -8.40
N HIS B 86 6.20 -7.32 -8.48
CA HIS B 86 6.81 -6.13 -7.83
C HIS B 86 7.82 -5.51 -8.78
N GLU B 87 8.10 -4.23 -8.59
CA GLU B 87 9.22 -3.57 -9.29
C GLU B 87 10.09 -2.91 -8.23
N SER B 88 11.36 -2.77 -8.56
CA SER B 88 12.38 -2.21 -7.64
C SER B 88 12.17 -0.70 -7.52
N SER B 89 12.60 -0.14 -6.39
CA SER B 89 12.82 1.32 -6.20
C SER B 89 13.90 1.81 -7.19
N GLY B 90 14.27 3.08 -7.13
CA GLY B 90 15.27 3.67 -8.03
C GLY B 90 14.65 4.18 -9.32
N THR B 91 15.43 4.18 -10.39
CA THR B 91 15.09 4.78 -11.71
C THR B 91 13.75 4.18 -12.19
N ALA B 92 12.81 5.04 -12.58
CA ALA B 92 11.51 4.64 -13.18
C ALA B 92 11.71 4.24 -14.66
N GLY B 93 12.61 4.90 -15.37
CA GLY B 93 12.89 4.69 -16.80
C GLY B 93 13.32 3.28 -17.12
N GLU B 94 14.01 2.58 -16.19
CA GLU B 94 14.53 1.21 -16.43
C GLU B 94 14.11 0.30 -15.28
N PRO B 95 12.86 -0.20 -15.30
CA PRO B 95 12.35 -0.97 -14.18
C PRO B 95 12.97 -2.36 -14.08
N THR B 96 13.07 -2.86 -12.85
CA THR B 96 13.41 -4.27 -12.50
C THR B 96 12.16 -4.95 -11.95
N ALA B 97 11.69 -6.00 -12.62
CA ALA B 97 10.54 -6.81 -12.20
C ALA B 97 11.01 -7.97 -11.32
N SER B 98 10.25 -8.23 -10.26
N SER B 98 10.25 -8.22 -10.25
CA SER B 98 10.36 -9.51 -9.51
CA SER B 98 10.35 -9.41 -9.36
C SER B 98 8.95 -10.00 -9.20
C SER B 98 8.94 -9.98 -9.21
N TYR B 99 8.82 -11.29 -8.97
CA TYR B 99 7.50 -11.97 -8.87
C TYR B 99 7.72 -13.31 -8.18
N TYR B 100 6.66 -13.75 -7.53
CA TYR B 100 6.70 -14.79 -6.47
C TYR B 100 5.41 -15.60 -6.52
N THR B 101 5.55 -16.92 -6.43
CA THR B 101 4.43 -17.84 -6.16
C THR B 101 4.05 -17.73 -4.68
N GLU B 102 2.94 -18.35 -4.30
CA GLU B 102 2.49 -18.45 -2.89
C GLU B 102 3.61 -19.12 -2.06
N GLU B 103 4.20 -20.20 -2.58
CA GLU B 103 5.24 -20.95 -1.82
C GLU B 103 6.50 -20.07 -1.72
N ASP B 104 6.85 -19.33 -2.77
CA ASP B 104 7.96 -18.35 -2.74
C ASP B 104 7.72 -17.36 -1.58
N TRP B 105 6.48 -16.94 -1.42
CA TRP B 105 6.10 -15.97 -0.37
C TRP B 105 6.31 -16.55 1.03
N THR B 106 6.11 -17.84 1.22
CA THR B 106 6.29 -18.42 2.57
C THR B 106 7.76 -18.25 2.97
N ASP B 107 8.71 -18.53 2.08
CA ASP B 107 10.17 -18.34 2.33
C ASP B 107 10.42 -16.86 2.65
N LEU B 108 9.90 -15.94 1.83
CA LEU B 108 10.08 -14.47 2.05
C LEU B 108 9.62 -14.07 3.45
N ALA B 109 8.40 -14.45 3.81
CA ALA B 109 7.77 -14.07 5.11
C ALA B 109 8.61 -14.65 6.25
N GLU B 110 9.07 -15.90 6.14
CA GLU B 110 9.87 -16.56 7.20
C GLU B 110 11.15 -15.75 7.44
N ARG B 111 11.83 -15.33 6.37
CA ARG B 111 13.12 -14.63 6.48
C ARG B 111 12.93 -13.26 7.14
N PHE B 112 11.88 -12.52 6.76
CA PHE B 112 11.58 -11.22 7.41
C PHE B 112 11.33 -11.47 8.90
N ALA B 113 10.59 -12.53 9.21
CA ALA B 113 10.09 -12.84 10.57
C ALA B 113 11.24 -13.28 11.50
N ARG B 114 12.44 -13.49 10.98
CA ARG B 114 13.63 -13.77 11.80
C ARG B 114 14.10 -12.47 12.44
N LYS B 115 13.30 -11.96 13.38
CA LYS B 115 13.55 -10.73 14.14
C LYS B 115 13.84 -11.22 15.54
N TRP B 116 15.04 -10.94 16.08
CA TRP B 116 15.52 -11.57 17.33
C TRP B 116 14.59 -11.21 18.49
N THR B 117 13.87 -10.09 18.38
CA THR B 117 12.91 -9.57 19.39
C THR B 117 11.62 -10.39 19.37
N GLY B 118 11.43 -11.21 18.33
CA GLY B 118 10.17 -11.95 18.14
C GLY B 118 9.11 -11.07 17.48
N ILE B 119 8.14 -11.70 16.82
CA ILE B 119 6.85 -11.10 16.36
C ILE B 119 5.75 -12.03 16.90
N HIS B 120 4.82 -11.49 17.69
CA HIS B 120 3.83 -12.28 18.47
C HIS B 120 2.41 -11.77 18.21
N PRO B 121 1.39 -12.62 18.42
CA PRO B 121 0.00 -12.15 18.42
C PRO B 121 -0.23 -10.93 19.33
N SER B 122 0.53 -10.80 20.43
CA SER B 122 0.39 -9.69 21.41
C SER B 122 0.85 -8.37 20.80
N ASP B 123 1.54 -8.42 19.65
CA ASP B 123 2.10 -7.23 18.99
C ASP B 123 1.07 -6.52 18.12
N THR B 124 1.14 -5.19 18.10
CA THR B 124 0.49 -4.31 17.11
C THR B 124 1.63 -3.71 16.27
N PHE B 125 1.65 -4.01 14.98
CA PHE B 125 2.80 -3.82 14.07
C PHE B 125 2.45 -2.77 13.02
N LEU B 126 3.03 -1.58 13.13
CA LEU B 126 2.81 -0.46 12.17
C LEU B 126 3.80 -0.64 11.02
N VAL B 127 3.27 -0.91 9.84
CA VAL B 127 4.08 -1.08 8.61
C VAL B 127 4.10 0.29 7.91
N ARG B 128 5.23 0.97 7.98
CA ARG B 128 5.41 2.37 7.55
C ARG B 128 6.46 2.36 6.43
N THR B 129 6.26 1.48 5.44
CA THR B 129 7.03 1.47 4.19
C THR B 129 6.03 1.39 3.05
N PRO B 130 6.43 1.68 1.81
CA PRO B 130 5.47 1.74 0.71
C PRO B 130 4.89 0.38 0.34
N TYR B 131 3.65 0.39 -0.13
CA TYR B 131 2.97 -0.77 -0.77
C TYR B 131 2.88 -0.59 -2.30
N GLY B 132 3.31 0.56 -2.82
CA GLY B 132 3.18 0.85 -4.26
C GLY B 132 4.29 0.18 -5.05
N LEU B 133 3.99 -0.97 -5.67
CA LEU B 133 4.84 -1.81 -6.56
C LEU B 133 6.01 -2.45 -5.80
N VAL B 134 6.74 -1.71 -4.99
CA VAL B 134 7.85 -2.29 -4.17
C VAL B 134 7.31 -3.37 -3.24
N ILE B 135 8.20 -4.26 -2.78
CA ILE B 135 7.78 -5.41 -1.94
C ILE B 135 7.69 -5.03 -0.46
N THR B 136 8.40 -3.99 -0.01
CA THR B 136 8.72 -3.80 1.44
C THR B 136 7.45 -3.81 2.31
N GLY B 137 6.42 -3.02 2.01
CA GLY B 137 5.16 -3.01 2.80
C GLY B 137 4.50 -4.39 2.85
N HIS B 138 4.41 -5.05 1.72
CA HIS B 138 3.80 -6.40 1.53
C HIS B 138 4.58 -7.42 2.35
N LEU B 139 5.91 -7.29 2.37
CA LEU B 139 6.80 -8.28 3.04
C LEU B 139 6.53 -8.21 4.54
N ALA B 140 6.54 -7.02 5.12
CA ALA B 140 6.37 -6.84 6.57
C ALA B 140 4.95 -7.30 6.92
N GLN B 141 3.97 -6.94 6.10
CA GLN B 141 2.55 -7.35 6.37
C GLN B 141 2.45 -8.88 6.34
N ALA B 142 3.10 -9.55 5.38
CA ALA B 142 3.09 -11.03 5.25
C ALA B 142 3.72 -11.66 6.50
N ALA B 143 4.81 -11.12 7.01
CA ALA B 143 5.46 -11.66 8.22
C ALA B 143 4.55 -11.42 9.43
N GLY B 144 3.91 -10.25 9.52
CA GLY B 144 2.92 -9.95 10.56
C GLY B 144 1.78 -10.95 10.58
N ARG B 145 1.21 -11.24 9.40
CA ARG B 145 0.10 -12.22 9.25
C ARG B 145 0.61 -13.60 9.66
N LEU B 146 1.84 -13.95 9.26
CA LEU B 146 2.43 -15.28 9.54
C LEU B 146 2.49 -15.48 11.06
N ARG B 147 2.89 -14.46 11.81
CA ARG B 147 3.17 -14.59 13.27
C ARG B 147 1.95 -14.14 14.09
N GLY B 148 0.87 -13.67 13.46
CA GLY B 148 -0.40 -13.31 14.14
C GLY B 148 -0.39 -11.90 14.74
N ALA B 149 0.62 -11.08 14.44
CA ALA B 149 0.66 -9.67 14.94
C ALA B 149 -0.48 -8.89 14.25
N THR B 150 -1.14 -7.99 14.96
CA THR B 150 -2.13 -7.07 14.36
C THR B 150 -1.36 -6.11 13.44
N VAL B 151 -1.61 -6.17 12.14
CA VAL B 151 -0.93 -5.30 11.17
C VAL B 151 -1.75 -4.02 10.99
N VAL B 152 -1.10 -2.88 11.22
CA VAL B 152 -1.60 -1.53 10.87
C VAL B 152 -0.87 -1.11 9.61
N PRO B 153 -1.54 -1.07 8.43
CA PRO B 153 -0.88 -0.71 7.18
C PRO B 153 -0.78 0.82 7.08
N GLY B 154 0.37 1.35 7.48
CA GLY B 154 0.67 2.77 7.47
C GLY B 154 0.99 3.24 6.06
N ASP B 155 1.58 2.36 5.24
CA ASP B 155 2.07 2.71 3.89
C ASP B 155 3.08 3.84 4.15
N ALA B 156 3.75 4.33 3.14
CA ALA B 156 4.72 5.43 3.22
C ALA B 156 4.63 6.09 1.86
N ARG B 157 4.81 7.41 1.81
CA ARG B 157 4.79 8.21 0.56
C ARG B 157 3.37 8.32 0.04
N SER B 158 2.39 8.04 0.91
CA SER B 158 0.95 8.11 0.60
C SER B 158 0.36 9.37 1.24
N LEU B 159 -0.44 10.11 0.49
CA LEU B 159 -1.16 11.31 0.99
C LEU B 159 -2.15 10.89 2.09
N ALA B 160 -2.54 9.61 2.14
CA ALA B 160 -3.53 9.09 3.12
C ALA B 160 -2.93 9.06 4.54
N THR B 161 -1.62 8.94 4.69
CA THR B 161 -0.98 8.61 6.00
C THR B 161 0.19 9.55 6.27
N PRO B 162 -0.06 10.84 6.53
CA PRO B 162 1.01 11.75 6.92
C PRO B 162 1.53 11.40 8.32
N LEU B 163 2.73 11.89 8.63
CA LEU B 163 3.43 11.61 9.90
C LEU B 163 2.53 11.95 11.10
N SER B 164 1.78 13.05 11.04
CA SER B 164 0.90 13.48 12.17
C SER B 164 -0.06 12.33 12.51
N ARG B 165 -0.65 11.71 11.50
CA ARG B 165 -1.61 10.60 11.70
C ARG B 165 -0.86 9.35 12.19
N MET B 166 0.35 9.09 11.72
CA MET B 166 1.16 7.93 12.19
C MET B 166 1.50 8.11 13.68
N VAL B 167 1.85 9.32 14.12
CA VAL B 167 2.18 9.59 15.55
C VAL B 167 0.95 9.29 16.41
N ARG B 168 -0.22 9.75 15.98
CA ARG B 168 -1.50 9.51 16.70
C ARG B 168 -1.74 8.00 16.78
N VAL B 169 -1.53 7.27 15.68
CA VAL B 169 -1.74 5.79 15.64
C VAL B 169 -0.75 5.11 16.60
N LEU B 170 0.55 5.46 16.55
CA LEU B 170 1.58 4.91 17.45
C LEU B 170 1.11 4.97 18.91
N LYS B 171 0.62 6.14 19.32
CA LYS B 171 0.22 6.43 20.73
C LYS B 171 -1.10 5.73 21.05
N THR B 172 -2.16 5.97 20.27
CA THR B 172 -3.55 5.59 20.64
C THR B 172 -3.77 4.08 20.43
N LEU B 173 -3.08 3.43 19.49
CA LEU B 173 -3.20 1.96 19.29
C LEU B 173 -2.18 1.18 20.14
N ASP B 174 -1.33 1.84 20.92
CA ASP B 174 -0.29 1.15 21.75
C ASP B 174 0.57 0.29 20.83
N VAL B 175 1.00 0.82 19.69
CA VAL B 175 1.84 0.07 18.72
C VAL B 175 3.07 -0.44 19.46
N THR B 176 3.45 -1.70 19.20
CA THR B 176 4.57 -2.38 19.90
C THR B 176 5.78 -2.52 18.97
N LEU B 177 5.55 -2.60 17.66
CA LEU B 177 6.61 -2.79 16.62
C LEU B 177 6.34 -1.83 15.46
N THR B 178 7.40 -1.33 14.85
CA THR B 178 7.33 -0.51 13.63
C THR B 178 8.27 -1.10 12.60
N TRP B 179 7.97 -0.82 11.33
CA TRP B 179 8.83 -1.14 10.18
C TRP B 179 8.89 0.11 9.32
N CYS B 180 10.08 0.67 9.20
CA CYS B 180 10.34 1.87 8.37
C CYS B 180 11.85 2.08 8.28
N ASN B 181 12.28 2.89 7.32
CA ASN B 181 13.72 3.11 7.10
C ASN B 181 14.22 4.01 8.22
N PRO B 182 15.54 4.09 8.44
CA PRO B 182 16.10 4.85 9.57
C PRO B 182 15.79 6.36 9.52
N THR B 183 15.69 6.95 8.33
CA THR B 183 15.30 8.39 8.17
C THR B 183 13.87 8.55 8.68
N GLU B 184 13.00 7.59 8.39
CA GLU B 184 11.59 7.63 8.82
C GLU B 184 11.52 7.51 10.35
N ILE B 185 12.43 6.76 10.97
CA ILE B 185 12.48 6.70 12.46
C ILE B 185 12.69 8.12 13.03
N THR B 186 13.58 8.94 12.45
CA THR B 186 13.84 10.32 12.92
C THR B 186 12.66 11.23 12.53
N MET B 187 12.04 11.03 11.37
CA MET B 187 10.85 11.82 10.93
C MET B 187 9.73 11.62 11.93
N LEU B 188 9.47 10.37 12.34
CA LEU B 188 8.41 10.05 13.33
C LEU B 188 8.74 10.69 14.68
N ALA B 189 10.02 10.69 15.07
CA ALA B 189 10.47 11.33 16.34
C ALA B 189 10.21 12.84 16.26
N ALA B 190 10.51 13.48 15.13
CA ALA B 190 10.33 14.93 14.96
C ALA B 190 8.84 15.24 14.95
N ALA B 191 8.03 14.38 14.32
CA ALA B 191 6.55 14.55 14.27
C ALA B 191 5.96 14.39 15.68
N ALA B 192 6.46 13.43 16.46
CA ALA B 192 6.01 13.23 17.85
C ALA B 192 6.27 14.51 18.66
N LYS B 193 7.48 15.05 18.57
CA LYS B 193 7.87 16.27 19.33
C LYS B 193 6.94 17.41 18.92
N ALA B 194 6.66 17.57 17.62
CA ALA B 194 5.78 18.63 17.10
C ALA B 194 4.33 18.41 17.58
N ALA B 195 3.93 17.19 17.96
CA ALA B 195 2.60 16.91 18.54
C ALA B 195 2.66 17.01 20.07
N GLY B 196 3.78 17.40 20.65
CA GLY B 196 3.93 17.54 22.11
C GLY B 196 4.14 16.21 22.81
N LEU B 197 4.70 15.22 22.11
CA LEU B 197 4.97 13.88 22.68
C LEU B 197 6.48 13.64 22.67
N ARG B 198 6.99 13.07 23.77
CA ARG B 198 8.41 12.72 23.94
C ARG B 198 8.58 11.29 23.44
N PRO B 199 9.31 11.08 22.34
CA PRO B 199 9.57 9.73 21.85
C PRO B 199 10.22 8.81 22.91
N ASP B 200 10.99 9.37 23.85
CA ASP B 200 11.74 8.57 24.85
C ASP B 200 10.83 8.14 26.03
N GLN B 201 9.60 8.65 26.15
CA GLN B 201 8.76 8.42 27.36
C GLN B 201 7.28 8.15 27.03
N ASP B 202 6.71 8.80 26.02
CA ASP B 202 5.23 8.84 25.84
C ASP B 202 4.70 7.67 24.99
N PHE B 203 5.56 6.72 24.60
CA PHE B 203 5.20 5.52 23.79
C PHE B 203 5.64 4.26 24.54
N PRO B 204 5.11 4.02 25.76
CA PRO B 204 5.64 2.96 26.63
C PRO B 204 5.48 1.52 26.10
N HIS B 205 4.54 1.28 25.19
CA HIS B 205 4.26 -0.06 24.59
C HIS B 205 5.16 -0.31 23.38
N LEU B 206 5.82 0.71 22.83
CA LEU B 206 6.75 0.51 21.69
C LEU B 206 7.98 -0.26 22.19
N ARG B 207 8.19 -1.51 21.73
CA ARG B 207 9.25 -2.40 22.30
C ARG B 207 10.38 -2.64 21.29
N ALA B 208 10.16 -2.44 19.99
CA ALA B 208 11.22 -2.56 18.97
C ALA B 208 10.86 -1.81 17.69
N MET B 209 11.89 -1.40 16.97
CA MET B 209 11.75 -0.72 15.66
C MET B 209 12.60 -1.48 14.64
N PHE B 210 11.95 -2.05 13.65
CA PHE B 210 12.58 -2.83 12.57
C PHE B 210 12.93 -1.86 11.45
N THR B 211 14.10 -2.01 10.83
CA THR B 211 14.57 -1.02 9.84
C THR B 211 15.46 -1.70 8.80
N ALA B 212 15.55 -1.06 7.64
CA ALA B 212 16.40 -1.51 6.51
C ALA B 212 16.48 -0.37 5.52
N ALA B 213 17.11 -0.64 4.37
CA ALA B 213 16.97 0.14 3.12
C ALA B 213 18.01 1.26 3.08
N GLU B 214 18.68 1.58 4.18
CA GLU B 214 19.79 2.58 4.22
C GLU B 214 20.99 1.96 4.90
N PRO B 215 22.22 2.28 4.44
CA PRO B 215 23.43 2.02 5.23
C PRO B 215 23.29 2.70 6.59
N LEU B 216 23.50 1.95 7.66
CA LEU B 216 23.20 2.42 9.04
C LEU B 216 24.39 2.14 9.93
N THR B 217 25.09 3.20 10.37
CA THR B 217 26.25 3.07 11.30
C THR B 217 25.69 2.70 12.68
N GLU B 218 26.52 2.06 13.51
N GLU B 218 26.52 2.02 13.49
CA GLU B 218 26.13 1.69 14.89
CA GLU B 218 26.24 1.70 14.92
C GLU B 218 25.87 2.98 15.67
C GLU B 218 25.83 3.00 15.61
N VAL B 219 26.60 4.06 15.38
CA VAL B 219 26.47 5.36 16.12
C VAL B 219 25.06 5.90 15.85
N ARG B 220 24.65 5.95 14.59
CA ARG B 220 23.28 6.42 14.25
C ARG B 220 22.24 5.48 14.86
N ARG B 221 22.41 4.16 14.65
N ARG B 221 22.41 4.17 14.67
CA ARG B 221 21.44 3.15 15.16
CA ARG B 221 21.46 3.12 15.16
C ARG B 221 21.25 3.36 16.66
C ARG B 221 21.25 3.31 16.66
N ARG B 222 22.33 3.51 17.43
CA ARG B 222 22.25 3.69 18.89
C ARG B 222 21.57 5.02 19.22
N ARG B 223 21.84 6.09 18.49
CA ARG B 223 21.13 7.38 18.72
C ARG B 223 19.62 7.19 18.44
N LEU B 224 19.24 6.52 17.36
CA LEU B 224 17.80 6.29 17.02
C LEU B 224 17.15 5.52 18.18
N SER B 225 17.84 4.48 18.70
CA SER B 225 17.38 3.70 19.87
C SER B 225 17.14 4.65 21.05
N GLU B 226 18.11 5.50 21.37
CA GLU B 226 18.07 6.43 22.54
C GLU B 226 16.92 7.43 22.36
N ILE B 227 16.72 7.95 21.15
CA ILE B 227 15.63 8.90 20.87
C ILE B 227 14.29 8.24 21.28
N TRP B 228 14.10 6.96 20.96
CA TRP B 228 12.84 6.21 21.25
C TRP B 228 12.91 5.43 22.57
N GLY B 229 13.69 5.86 23.56
CA GLY B 229 13.62 5.30 24.92
C GLY B 229 14.56 4.13 25.16
N GLY B 230 15.52 3.89 24.27
CA GLY B 230 16.56 2.84 24.43
C GLY B 230 16.07 1.49 23.94
N ILE B 231 14.99 1.47 23.16
CA ILE B 231 14.43 0.19 22.62
C ILE B 231 15.30 -0.29 21.47
N PRO B 232 15.31 -1.61 21.20
CA PRO B 232 16.07 -2.15 20.09
C PRO B 232 15.64 -1.59 18.72
N VAL B 233 16.62 -1.21 17.90
CA VAL B 233 16.45 -0.90 16.46
C VAL B 233 17.05 -2.09 15.71
N VAL B 234 16.17 -2.90 15.12
CA VAL B 234 16.49 -4.24 14.59
C VAL B 234 16.60 -4.12 13.07
N GLU B 235 17.82 -4.19 12.58
CA GLU B 235 18.15 -3.97 11.15
C GLU B 235 18.00 -5.27 10.37
N GLU B 236 17.61 -5.15 9.11
CA GLU B 236 17.79 -6.24 8.11
C GLU B 236 18.34 -5.64 6.82
N TYR B 237 18.82 -6.53 5.97
CA TYR B 237 19.39 -6.23 4.64
C TYR B 237 18.60 -7.07 3.65
N GLY B 238 18.04 -6.41 2.65
CA GLY B 238 17.30 -7.09 1.58
C GLY B 238 17.13 -6.22 0.38
N SER B 239 16.33 -6.71 -0.56
CA SER B 239 16.03 -6.05 -1.84
C SER B 239 14.72 -6.66 -2.36
N THR B 240 14.02 -5.96 -3.25
CA THR B 240 12.78 -6.44 -3.90
C THR B 240 13.05 -7.78 -4.59
N GLU B 241 14.23 -7.95 -5.20
CA GLU B 241 14.47 -9.12 -6.06
C GLU B 241 14.97 -10.32 -5.25
N THR B 242 15.44 -10.13 -4.00
CA THR B 242 15.99 -11.22 -3.14
C THR B 242 15.14 -11.51 -1.90
N GLY B 243 14.32 -10.55 -1.48
CA GLY B 243 13.80 -10.47 -0.10
C GLY B 243 14.92 -10.27 0.92
N THR B 244 14.65 -10.58 2.17
CA THR B 244 15.55 -10.38 3.32
C THR B 244 16.70 -11.39 3.24
N ILE B 245 17.93 -10.91 3.18
CA ILE B 245 19.09 -11.83 3.07
C ILE B 245 19.94 -11.79 4.34
N ALA B 246 19.74 -10.84 5.23
CA ALA B 246 20.47 -10.80 6.51
C ALA B 246 19.63 -10.09 7.56
N GLY B 247 19.76 -10.52 8.81
CA GLY B 247 19.05 -9.90 9.94
C GLY B 247 19.92 -9.81 11.16
N GLN B 248 19.61 -8.81 11.98
CA GLN B 248 20.35 -8.49 13.22
C GLN B 248 20.21 -9.64 14.22
N CYS B 249 21.30 -9.93 14.95
CA CYS B 249 21.31 -10.75 16.17
C CYS B 249 21.22 -9.83 17.40
N PRO B 250 21.03 -10.36 18.62
CA PRO B 250 20.96 -9.52 19.81
C PRO B 250 22.24 -8.72 20.10
N GLU B 251 23.37 -9.08 19.50
CA GLU B 251 24.66 -8.31 19.63
C GLU B 251 24.73 -7.15 18.64
N GLY B 252 23.77 -6.99 17.74
CA GLY B 252 23.67 -5.80 16.87
C GLY B 252 24.39 -5.97 15.54
N ARG B 253 24.82 -7.17 15.20
CA ARG B 253 25.40 -7.51 13.88
C ARG B 253 24.33 -8.19 13.01
N MET B 254 24.35 -7.92 11.70
CA MET B 254 23.51 -8.63 10.72
C MET B 254 24.19 -9.94 10.32
N HIS B 255 23.44 -11.04 10.34
CA HIS B 255 23.91 -12.38 9.89
C HIS B 255 23.19 -12.75 8.60
N LEU B 256 23.94 -13.27 7.62
CA LEU B 256 23.39 -13.74 6.33
C LEU B 256 22.51 -14.98 6.56
N TRP B 257 21.32 -15.02 5.94
CA TRP B 257 20.42 -16.18 6.03
C TRP B 257 20.90 -17.26 5.04
N ALA B 258 22.06 -17.84 5.31
CA ALA B 258 22.79 -18.73 4.37
C ALA B 258 22.07 -20.08 4.22
N ASP B 259 21.14 -20.42 5.12
CA ASP B 259 20.30 -21.64 4.96
C ASP B 259 19.33 -21.45 3.78
N ARG B 260 19.01 -20.21 3.40
CA ARG B 260 17.98 -19.91 2.37
C ARG B 260 18.63 -19.43 1.06
N ALA B 261 19.94 -19.21 1.07
CA ALA B 261 20.63 -18.63 -0.11
C ALA B 261 22.13 -18.89 0.04
N ILE B 262 22.81 -19.11 -1.08
CA ILE B 262 24.29 -19.16 -1.15
C ILE B 262 24.78 -17.74 -1.41
N PHE B 263 25.56 -17.22 -0.47
CA PHE B 263 26.12 -15.86 -0.45
C PHE B 263 27.59 -15.94 -0.81
N GLU B 264 28.00 -15.11 -1.76
CA GLU B 264 29.39 -15.01 -2.23
C GLU B 264 29.74 -13.53 -2.30
N VAL B 265 31.02 -13.22 -2.18
CA VAL B 265 31.58 -11.86 -2.30
C VAL B 265 32.36 -11.84 -3.63
N TYR B 266 31.99 -10.90 -4.51
CA TYR B 266 32.54 -10.77 -5.88
C TYR B 266 33.59 -9.65 -5.84
N ASP B 267 34.82 -9.97 -6.23
CA ASP B 267 35.91 -8.98 -6.44
C ASP B 267 35.82 -8.55 -7.89
N PRO B 268 35.35 -7.33 -8.19
CA PRO B 268 35.10 -6.93 -9.58
C PRO B 268 36.38 -6.76 -10.41
N ARG B 269 37.53 -6.62 -9.75
CA ARG B 269 38.87 -6.47 -10.36
C ARG B 269 39.41 -7.82 -10.85
N THR B 270 39.36 -8.86 -10.01
CA THR B 270 39.87 -10.23 -10.31
C THR B 270 38.75 -11.11 -10.88
N GLY B 271 37.49 -10.76 -10.62
CA GLY B 271 36.31 -11.55 -11.04
C GLY B 271 36.08 -12.78 -10.17
N THR B 272 36.84 -12.95 -9.08
CA THR B 272 36.75 -14.14 -8.19
C THR B 272 35.52 -14.02 -7.30
N LEU B 273 34.91 -15.15 -6.95
CA LEU B 273 33.84 -15.26 -5.94
C LEU B 273 34.40 -16.00 -4.73
N SER B 274 34.23 -15.43 -3.54
CA SER B 274 34.74 -15.96 -2.26
C SER B 274 33.59 -16.05 -1.25
N GLU B 275 33.68 -16.97 -0.30
CA GLU B 275 32.61 -17.17 0.71
C GLU B 275 32.68 -16.07 1.78
N ALA B 276 33.77 -15.29 1.84
CA ALA B 276 33.89 -14.18 2.81
C ALA B 276 34.84 -13.11 2.27
N GLY B 277 34.93 -11.98 2.96
CA GLY B 277 35.84 -10.86 2.65
C GLY B 277 35.07 -9.64 2.19
N ARG B 278 35.75 -8.72 1.51
CA ARG B 278 35.22 -7.43 1.03
C ARG B 278 34.97 -7.55 -0.47
N GLY B 279 33.86 -6.98 -0.93
CA GLY B 279 33.48 -6.94 -2.36
C GLY B 279 31.98 -6.81 -2.52
N GLN B 280 31.45 -7.24 -3.65
CA GLN B 280 30.04 -7.01 -4.03
C GLN B 280 29.21 -8.24 -3.61
N MET B 281 28.04 -8.01 -3.01
N MET B 281 28.04 -8.01 -3.02
CA MET B 281 27.15 -9.07 -2.48
CA MET B 281 27.12 -9.06 -2.50
C MET B 281 26.55 -9.86 -3.64
C MET B 281 26.53 -9.86 -3.66
N VAL B 282 26.83 -11.16 -3.73
CA VAL B 282 26.25 -12.07 -4.74
C VAL B 282 25.34 -13.08 -4.00
N VAL B 283 24.15 -13.33 -4.53
CA VAL B 283 23.10 -14.17 -3.88
C VAL B 283 22.60 -15.21 -4.89
N THR B 284 22.49 -16.47 -4.46
CA THR B 284 21.70 -17.52 -5.15
C THR B 284 20.62 -17.99 -4.18
N PRO B 285 19.38 -17.47 -4.27
CA PRO B 285 18.29 -17.95 -3.41
C PRO B 285 17.97 -19.43 -3.70
N LEU B 286 17.68 -20.21 -2.67
CA LEU B 286 17.50 -21.68 -2.80
C LEU B 286 16.01 -22.07 -2.86
N TYR B 287 15.09 -21.25 -2.36
CA TYR B 287 13.67 -21.65 -2.17
C TYR B 287 12.74 -20.70 -2.91
N ARG B 288 12.97 -20.54 -4.21
CA ARG B 288 12.08 -19.79 -5.11
C ARG B 288 11.90 -20.53 -6.43
N ASP B 289 10.67 -20.58 -6.92
CA ASP B 289 10.29 -21.27 -8.18
C ASP B 289 10.11 -20.25 -9.30
N ALA B 290 9.50 -19.08 -9.04
CA ALA B 290 9.01 -18.21 -10.13
C ALA B 290 10.18 -17.55 -10.86
N MET B 291 11.13 -17.01 -10.10
N MET B 291 11.13 -16.99 -10.11
CA MET B 291 12.19 -16.13 -10.64
CA MET B 291 12.20 -16.13 -10.66
C MET B 291 13.55 -16.59 -10.15
C MET B 291 13.56 -16.58 -10.16
N PRO B 292 14.05 -17.74 -10.64
CA PRO B 292 15.38 -18.22 -10.27
C PRO B 292 16.46 -17.19 -10.56
N LEU B 293 17.41 -17.05 -9.62
CA LEU B 293 18.58 -16.16 -9.75
C LEU B 293 19.82 -17.01 -9.43
N LEU B 294 20.74 -17.09 -10.38
CA LEU B 294 22.04 -17.77 -10.22
C LEU B 294 23.08 -16.68 -10.03
N ARG B 295 23.64 -16.58 -8.83
CA ARG B 295 24.76 -15.67 -8.50
C ARG B 295 24.38 -14.25 -8.94
N TYR B 296 23.25 -13.77 -8.43
CA TYR B 296 22.76 -12.40 -8.69
C TYR B 296 23.61 -11.40 -7.87
N ASN B 297 24.25 -10.46 -8.55
CA ASN B 297 25.11 -9.40 -7.96
C ASN B 297 24.26 -8.18 -7.60
N LEU B 298 23.91 -8.00 -6.33
CA LEU B 298 23.22 -6.79 -5.82
C LEU B 298 24.08 -5.54 -6.05
N ALA B 299 25.37 -5.72 -6.28
CA ALA B 299 26.36 -4.62 -6.48
C ALA B 299 26.41 -3.69 -5.26
N ASP B 300 26.09 -4.19 -4.06
CA ASP B 300 26.42 -3.49 -2.79
C ASP B 300 27.82 -3.91 -2.34
N ASP B 301 28.61 -2.94 -1.87
CA ASP B 301 29.91 -3.18 -1.21
C ASP B 301 29.64 -3.73 0.19
N VAL B 302 30.13 -4.93 0.48
CA VAL B 302 29.87 -5.60 1.79
C VAL B 302 31.19 -6.16 2.33
N GLU B 303 31.22 -6.35 3.64
CA GLU B 303 32.28 -7.11 4.35
C GLU B 303 31.61 -8.32 5.00
N VAL B 304 31.86 -9.52 4.51
CA VAL B 304 31.32 -10.80 5.06
C VAL B 304 32.44 -11.41 5.91
N SER B 305 32.13 -11.80 7.14
CA SER B 305 33.08 -12.51 8.04
C SER B 305 32.44 -13.78 8.59
N THR B 306 33.22 -14.86 8.66
CA THR B 306 32.88 -16.15 9.33
C THR B 306 33.32 -16.14 10.79
N ASP B 307 33.93 -15.05 11.26
CA ASP B 307 34.43 -14.93 12.66
C ASP B 307 33.24 -15.02 13.61
N PRO B 308 33.33 -15.78 14.71
CA PRO B 308 32.19 -15.94 15.63
C PRO B 308 31.72 -14.59 16.21
N CYS B 309 30.44 -14.53 16.51
CA CYS B 309 29.73 -13.42 17.18
C CYS B 309 29.27 -13.92 18.56
N GLY B 310 29.19 -13.02 19.54
CA GLY B 310 28.65 -13.33 20.89
C GLY B 310 27.24 -13.91 20.87
N CYS B 311 26.47 -13.77 19.79
CA CYS B 311 25.09 -14.35 19.67
C CYS B 311 25.16 -15.88 19.54
N GLY B 312 26.29 -16.43 19.07
CA GLY B 312 26.46 -17.88 18.89
C GLY B 312 25.69 -18.43 17.68
N TRP B 313 25.12 -17.59 16.83
CA TRP B 313 24.50 -18.06 15.55
C TRP B 313 25.61 -18.59 14.63
N LEU B 314 25.40 -19.76 14.05
CA LEU B 314 26.39 -20.39 13.13
C LEU B 314 26.15 -19.86 11.71
N LEU B 315 26.36 -18.56 11.55
CA LEU B 315 26.11 -17.80 10.30
C LEU B 315 27.11 -16.67 10.21
N PRO B 316 27.69 -16.41 9.01
CA PRO B 316 28.56 -15.27 8.81
C PRO B 316 27.82 -13.94 9.02
N THR B 317 28.55 -12.93 9.46
CA THR B 317 28.05 -11.55 9.63
C THR B 317 28.32 -10.78 8.33
N VAL B 318 27.56 -9.73 8.12
CA VAL B 318 27.72 -8.82 6.95
C VAL B 318 27.55 -7.39 7.45
N THR B 319 28.48 -6.54 7.02
CA THR B 319 28.35 -5.07 7.06
C THR B 319 28.12 -4.60 5.63
N VAL B 320 27.14 -3.74 5.44
CA VAL B 320 26.79 -3.15 4.12
C VAL B 320 27.29 -1.69 4.14
N LEU B 321 28.36 -1.43 3.39
CA LEU B 321 29.04 -0.11 3.32
C LEU B 321 28.19 0.88 2.51
N GLY B 322 27.64 0.45 1.37
CA GLY B 322 26.82 1.28 0.48
C GLY B 322 26.79 0.66 -0.90
N ARG B 323 26.24 1.37 -1.88
CA ARG B 323 26.34 0.97 -3.31
C ARG B 323 27.80 1.15 -3.75
N ALA B 324 28.35 0.13 -4.41
CA ALA B 324 29.65 0.15 -5.12
C ALA B 324 29.78 1.45 -5.94
N GLY B 325 30.89 2.18 -5.76
CA GLY B 325 31.33 3.32 -6.60
C GLY B 325 30.94 4.69 -6.05
N THR B 326 30.19 4.75 -4.94
CA THR B 326 29.45 5.95 -4.45
C THR B 326 30.35 6.90 -3.65
N GLY B 327 31.58 6.49 -3.30
CA GLY B 327 32.55 7.28 -2.50
C GLY B 327 32.94 8.60 -3.16
N HIS B 328 33.37 9.57 -2.34
CA HIS B 328 33.90 10.90 -2.74
C HIS B 328 35.23 11.14 -2.05
N ARG B 329 36.10 11.92 -2.69
CA ARG B 329 37.48 12.23 -2.22
C ARG B 329 37.65 13.75 -2.29
N ILE B 330 38.29 14.35 -1.30
CA ILE B 330 38.45 15.83 -1.21
C ILE B 330 39.94 16.17 -1.08
N GLY B 331 40.54 16.01 0.10
CA GLY B 331 42.02 16.10 0.20
C GLY B 331 42.67 14.85 -0.39
N PRO B 332 43.63 14.22 0.32
CA PRO B 332 43.86 12.78 0.15
C PRO B 332 42.69 11.97 0.75
N ALA B 333 41.88 12.60 1.59
CA ALA B 333 40.82 12.01 2.46
C ALA B 333 39.64 11.53 1.63
N THR B 334 39.27 10.26 1.80
CA THR B 334 37.96 9.67 1.38
C THR B 334 36.89 10.21 2.33
N VAL B 335 35.81 10.76 1.79
CA VAL B 335 34.61 11.18 2.56
C VAL B 335 33.48 10.25 2.16
N THR B 336 33.09 9.37 3.09
CA THR B 336 31.92 8.47 2.96
C THR B 336 30.77 9.11 3.74
N GLN B 337 29.55 8.88 3.28
CA GLN B 337 28.34 9.23 4.05
C GLN B 337 28.42 8.59 5.45
N GLN B 338 28.95 7.37 5.54
CA GLN B 338 29.00 6.55 6.77
C GLN B 338 29.92 7.26 7.77
N ARG B 339 31.07 7.77 7.34
CA ARG B 339 32.02 8.48 8.23
C ARG B 339 31.41 9.80 8.73
N LEU B 340 30.77 10.58 7.85
CA LEU B 340 30.11 11.86 8.24
C LEU B 340 28.97 11.55 9.21
N GLU B 341 28.18 10.51 8.92
CA GLU B 341 27.03 10.11 9.77
C GLU B 341 27.51 9.82 11.18
N GLU B 342 28.64 9.13 11.35
CA GLU B 342 29.22 8.80 12.67
C GLU B 342 29.55 10.08 13.44
N LEU B 343 30.03 11.11 12.76
CA LEU B 343 30.41 12.40 13.42
C LEU B 343 29.12 13.17 13.76
N VAL B 344 28.18 13.28 12.83
CA VAL B 344 26.89 14.01 13.07
C VAL B 344 26.19 13.38 14.28
N PHE B 345 26.07 12.06 14.34
CA PHE B 345 25.29 11.36 15.40
C PHE B 345 26.13 11.12 16.64
N SER B 346 27.37 11.59 16.69
CA SER B 346 28.20 11.63 17.91
C SER B 346 28.02 12.97 18.63
N LEU B 347 27.41 13.99 18.01
CA LEU B 347 27.04 15.24 18.73
C LEU B 347 26.11 14.85 19.86
N PRO B 348 26.20 15.51 21.04
CA PRO B 348 25.31 15.18 22.17
C PRO B 348 23.84 15.14 21.73
N ALA B 349 23.09 14.15 22.22
CA ALA B 349 21.64 14.00 21.95
C ALA B 349 20.89 15.31 22.28
N ALA B 350 21.34 16.06 23.28
CA ALA B 350 20.68 17.30 23.76
C ALA B 350 20.61 18.35 22.64
N TYR B 351 21.52 18.30 21.65
CA TYR B 351 21.56 19.29 20.54
C TYR B 351 20.46 19.02 19.50
N GLU B 352 19.84 17.82 19.52
CA GLU B 352 18.69 17.41 18.66
C GLU B 352 19.05 17.53 17.17
N VAL B 353 20.28 17.20 16.80
CA VAL B 353 20.71 17.19 15.37
C VAL B 353 20.36 15.82 14.81
N MET B 354 19.38 15.77 13.90
CA MET B 354 18.87 14.54 13.23
C MET B 354 18.91 14.71 11.71
N PHE B 355 18.71 15.93 11.20
CA PHE B 355 18.55 16.19 9.75
C PHE B 355 19.74 17.00 9.27
N TRP B 356 20.42 16.47 8.26
CA TRP B 356 21.66 17.08 7.74
C TRP B 356 21.81 16.68 6.28
N ARG B 357 22.73 17.32 5.58
CA ARG B 357 23.10 16.92 4.21
C ARG B 357 24.47 17.50 3.93
N ALA B 358 25.21 16.91 3.01
CA ALA B 358 26.58 17.32 2.69
C ALA B 358 26.79 17.25 1.18
N LYS B 359 27.67 18.09 0.67
CA LYS B 359 28.06 18.13 -0.75
C LYS B 359 29.58 18.15 -0.82
N ALA B 360 30.16 17.19 -1.54
CA ALA B 360 31.61 17.15 -1.84
C ALA B 360 31.87 18.12 -3.00
N HIS B 361 32.61 19.18 -2.74
CA HIS B 361 33.28 20.01 -3.77
C HIS B 361 34.71 19.50 -3.90
N PRO B 362 35.42 19.77 -5.03
CA PRO B 362 36.81 19.36 -5.18
C PRO B 362 37.71 19.73 -3.99
N ASP B 363 37.46 20.91 -3.38
CA ASP B 363 38.38 21.55 -2.39
C ASP B 363 37.81 21.45 -0.97
N VAL B 364 36.50 21.30 -0.79
CA VAL B 364 35.84 21.59 0.53
C VAL B 364 34.58 20.75 0.70
N LEU B 365 34.29 20.36 1.93
CA LEU B 365 33.04 19.65 2.27
C LEU B 365 32.04 20.69 2.78
N GLU B 366 30.93 20.86 2.05
CA GLU B 366 29.79 21.69 2.47
C GLU B 366 28.82 20.79 3.23
N LEU B 367 28.45 21.19 4.45
CA LEU B 367 27.54 20.40 5.31
C LEU B 367 26.59 21.35 6.02
N GLU B 368 25.31 21.03 5.99
CA GLU B 368 24.18 21.76 6.62
C GLU B 368 23.44 20.82 7.56
N PHE B 369 22.92 21.31 8.67
CA PHE B 369 22.07 20.51 9.58
C PHE B 369 21.13 21.44 10.32
N GLU B 370 19.99 20.92 10.73
CA GLU B 370 19.01 21.63 11.58
C GLU B 370 19.39 21.43 13.05
N ALA B 371 19.33 22.52 13.81
CA ALA B 371 19.49 22.51 15.26
C ALA B 371 18.76 23.72 15.84
N PRO B 372 18.10 23.55 17.02
CA PRO B 372 17.55 24.69 17.75
C PRO B 372 18.60 25.79 17.96
N GLU B 373 18.15 27.04 17.97
CA GLU B 373 19.04 28.22 17.97
C GLU B 373 20.06 28.14 19.11
N PRO B 374 19.67 27.83 20.38
CA PRO B 374 20.61 27.90 21.51
C PRO B 374 21.87 27.01 21.43
N VAL B 375 21.78 25.86 20.75
CA VAL B 375 22.87 24.82 20.69
C VAL B 375 23.54 24.89 19.32
N ARG B 376 23.03 25.70 18.40
CA ARG B 376 23.44 25.67 16.98
C ARG B 376 24.94 25.98 16.86
N GLN B 377 25.47 27.01 17.53
CA GLN B 377 26.89 27.44 17.40
C GLN B 377 27.82 26.37 17.98
N ARG B 378 27.42 25.79 19.11
CA ARG B 378 28.12 24.64 19.74
C ARG B 378 28.21 23.48 18.74
N ALA B 379 27.09 23.16 18.08
CA ALA B 379 26.97 21.99 17.18
C ALA B 379 27.88 22.22 15.98
N VAL B 380 27.86 23.44 15.42
CA VAL B 380 28.71 23.80 14.25
C VAL B 380 30.18 23.66 14.65
N LYS B 381 30.55 24.15 15.83
CA LYS B 381 31.96 24.15 16.28
C LYS B 381 32.42 22.71 16.53
N GLU B 382 31.64 21.93 17.28
CA GLU B 382 32.03 20.54 17.66
C GLU B 382 32.09 19.66 16.41
N LEU B 383 31.16 19.83 15.48
CA LEU B 383 31.16 18.99 14.25
C LEU B 383 32.38 19.37 13.39
N GLY B 384 32.74 20.66 13.34
CA GLY B 384 33.96 21.12 12.67
C GLY B 384 35.20 20.48 13.29
N ALA B 385 35.28 20.46 14.62
CA ALA B 385 36.44 19.89 15.35
C ALA B 385 36.51 18.39 15.03
N ALA B 386 35.35 17.71 14.98
CA ALA B 386 35.27 16.27 14.69
C ALA B 386 35.79 16.02 13.26
N LEU B 387 35.38 16.85 12.29
CA LEU B 387 35.85 16.72 10.87
C LEU B 387 37.37 16.94 10.83
N ASP B 388 37.88 17.93 11.58
CA ASP B 388 39.33 18.25 11.66
C ASP B 388 40.07 17.02 12.21
N ARG B 389 39.67 16.52 13.38
CA ARG B 389 40.32 15.41 14.12
C ARG B 389 40.27 14.11 13.30
N GLU B 390 39.16 13.80 12.64
CA GLU B 390 38.88 12.45 12.08
C GLU B 390 39.23 12.38 10.60
N LEU B 391 38.98 13.43 9.81
CA LEU B 391 39.12 13.39 8.33
C LEU B 391 40.20 14.38 7.84
N GLY B 392 40.38 15.51 8.53
CA GLY B 392 41.28 16.60 8.11
C GLY B 392 40.84 17.30 6.83
N VAL B 393 39.56 17.17 6.42
CA VAL B 393 39.04 17.86 5.20
C VAL B 393 38.71 19.30 5.55
N PRO B 394 38.97 20.26 4.62
CA PRO B 394 38.40 21.60 4.71
C PRO B 394 36.87 21.47 4.64
N HIS B 395 36.16 22.28 5.42
CA HIS B 395 34.67 22.19 5.54
C HIS B 395 34.06 23.58 5.56
N ARG B 396 32.80 23.69 5.14
CA ARG B 396 31.93 24.86 5.38
C ARG B 396 30.63 24.32 5.99
N ILE B 397 30.51 24.39 7.32
CA ILE B 397 29.35 23.87 8.10
C ILE B 397 28.41 25.03 8.44
N THR B 398 27.12 24.87 8.12
CA THR B 398 26.05 25.86 8.41
C THR B 398 24.94 25.18 9.23
N GLY B 399 24.69 25.69 10.44
CA GLY B 399 23.49 25.33 11.23
C GLY B 399 22.27 26.04 10.68
N LEU B 400 21.15 25.34 10.53
CA LEU B 400 19.88 25.89 9.97
C LEU B 400 18.81 25.84 11.07
N ALA B 401 17.85 26.75 10.97
CA ALA B 401 16.62 26.78 11.80
C ALA B 401 15.83 25.50 11.55
N PRO B 402 15.22 24.88 12.56
CA PRO B 402 14.29 23.79 12.32
C PRO B 402 13.22 24.30 11.35
N GLY B 403 12.72 23.41 10.50
CA GLY B 403 11.68 23.72 9.50
C GLY B 403 12.28 24.07 8.15
N THR B 404 13.62 24.11 8.07
CA THR B 404 14.38 24.50 6.86
C THR B 404 14.54 23.28 5.95
N LEU B 405 15.08 22.17 6.46
CA LEU B 405 15.30 20.92 5.66
C LEU B 405 14.02 20.10 5.69
N VAL B 406 13.38 20.03 6.86
CA VAL B 406 12.15 19.23 7.08
C VAL B 406 11.05 20.21 7.49
N PRO B 407 10.16 20.58 6.55
CA PRO B 407 9.18 21.62 6.83
C PRO B 407 8.20 21.15 7.92
N ALA B 408 7.72 22.12 8.70
CA ALA B 408 6.72 21.94 9.77
C ALA B 408 5.51 21.20 9.21
N GLU B 409 5.07 21.50 7.98
CA GLU B 409 3.82 20.93 7.43
C GLU B 409 3.99 19.42 7.28
N ALA B 410 5.18 18.91 6.91
CA ALA B 410 5.44 17.45 6.82
C ALA B 410 5.19 16.81 8.20
N LEU B 411 5.50 17.53 9.28
CA LEU B 411 5.47 16.96 10.65
C LEU B 411 4.06 17.08 11.26
N THR B 412 3.28 18.11 10.92
CA THR B 412 2.01 18.41 11.67
C THR B 412 0.78 18.36 10.76
N ALA B 413 0.90 18.53 9.44
CA ALA B 413 -0.29 18.69 8.58
C ALA B 413 -1.11 17.40 8.63
N GLN B 414 -2.42 17.54 8.78
CA GLN B 414 -3.41 16.44 8.69
C GLN B 414 -4.06 16.55 7.31
N ARG B 415 -4.51 15.45 6.74
CA ARG B 415 -5.14 15.44 5.41
C ARG B 415 -6.34 14.51 5.45
N ASP B 416 -7.54 15.06 5.23
CA ASP B 416 -8.78 14.28 5.03
C ASP B 416 -8.55 13.38 3.81
N ILE B 417 -9.08 12.15 3.83
CA ILE B 417 -8.99 11.19 2.70
C ILE B 417 -10.29 11.34 1.89
N LEU B 418 -10.29 12.26 0.92
CA LEU B 418 -11.50 12.64 0.14
C LEU B 418 -11.64 11.71 -1.07
N LYS B 419 -12.86 11.67 -1.63
CA LYS B 419 -13.16 11.03 -2.94
C LYS B 419 -13.59 12.13 -3.91
N ALA B 420 -13.58 11.83 -5.20
CA ALA B 420 -14.03 12.76 -6.26
C ALA B 420 -15.42 13.29 -5.88
N ARG B 421 -15.63 14.58 -6.08
CA ARG B 421 -16.93 15.26 -5.91
C ARG B 421 -17.13 16.15 -7.14
N TYR B 422 -18.31 16.17 -7.73
CA TYR B 422 -18.54 16.89 -9.01
C TYR B 422 -19.44 18.10 -8.81
N LEU B 423 -20.44 18.01 -7.93
CA LEU B 423 -21.37 19.11 -7.62
C LEU B 423 -21.12 19.62 -6.21
N PHE B 424 -20.84 20.91 -6.08
CA PHE B 424 -20.56 21.61 -4.79
C PHE B 424 -21.66 22.62 -4.48
N ALA B 425 -21.88 22.88 -3.19
CA ALA B 425 -22.69 24.02 -2.69
C ALA B 425 -21.89 25.31 -2.82
N GLU B 426 -22.56 26.46 -2.80
CA GLU B 426 -21.95 27.79 -3.06
C GLU B 426 -20.73 28.01 -2.14
N ASP B 427 -20.87 27.65 -0.86
CA ASP B 427 -19.90 27.99 0.22
C ASP B 427 -18.67 27.06 0.16
N GLU B 428 -18.75 25.96 -0.61
CA GLU B 428 -17.69 24.92 -0.64
C GLU B 428 -16.60 25.33 -1.63
N ASP B 429 -15.35 24.98 -1.32
CA ASP B 429 -14.19 25.09 -2.25
C ASP B 429 -14.28 23.88 -3.20
N TRP B 430 -14.46 24.11 -4.50
CA TRP B 430 -14.62 23.03 -5.51
C TRP B 430 -13.25 22.63 -6.08
N ASP B 431 -12.15 23.12 -5.50
CA ASP B 431 -10.79 22.82 -6.02
C ASP B 431 -10.45 21.33 -5.83
N LYS B 432 -11.15 20.62 -4.94
CA LYS B 432 -10.90 19.18 -4.65
C LYS B 432 -11.82 18.28 -5.49
N ALA B 433 -12.43 18.81 -6.55
CA ALA B 433 -13.44 18.10 -7.38
C ALA B 433 -12.84 16.82 -7.97
N VAL B 434 -11.92 16.98 -8.93
CA VAL B 434 -11.37 15.88 -9.77
C VAL B 434 -10.01 15.46 -9.20
N MET B 435 -9.18 16.42 -8.76
CA MET B 435 -7.86 16.19 -8.10
C MET B 435 -8.06 16.27 -6.58
N TYR B 436 -8.57 15.16 -6.02
CA TYR B 436 -9.11 15.07 -4.63
C TYR B 436 -8.07 14.49 -3.64
N PHE B 437 -6.89 14.07 -4.11
CA PHE B 437 -5.86 13.39 -3.27
C PHE B 437 -5.31 14.38 -2.23
PG ANP C . -16.72 6.08 5.29
O1G ANP C . -17.92 6.68 4.58
O2G ANP C . -16.18 7.19 6.16
O3G ANP C . -17.20 4.95 6.18
PB ANP C . -14.76 4.07 4.28
O1B ANP C . -13.28 4.28 4.14
O2B ANP C . -15.27 3.19 5.38
N3B ANP C . -15.61 5.50 4.22
PA ANP C . -14.95 3.74 1.42
O1A ANP C . -15.04 2.56 0.50
O2A ANP C . -13.73 4.60 1.29
O3A ANP C . -15.11 3.28 2.95
O5' ANP C . -16.26 4.64 1.29
C5' ANP C . -17.54 4.06 1.63
C4' ANP C . -18.63 4.89 1.04
O4' ANP C . -18.39 5.10 -0.37
C3' ANP C . -20.03 4.26 1.06
O3' ANP C . -20.65 4.40 2.33
C2' ANP C . -20.71 5.12 -0.01
O2' ANP C . -21.00 6.42 0.45
C1' ANP C . -19.62 5.19 -1.07
N9 ANP C . -19.70 4.11 -2.07
C8 ANP C . -18.96 2.95 -2.17
N7 ANP C . -19.29 2.22 -3.21
C5 ANP C . -20.30 2.94 -3.85
C6 ANP C . -21.05 2.70 -5.01
N6 ANP C . -20.92 1.64 -5.80
N1 ANP C . -21.99 3.63 -5.35
C2 ANP C . -22.12 4.71 -4.56
N3 ANP C . -21.46 5.04 -3.46
C4 ANP C . -20.55 4.10 -3.15
ZN ZN D . -29.12 -9.21 -11.64
MG MG E . -1.52 -15.84 -11.42
CAC FLC F . -14.18 -1.35 -30.30
CA FLC F . -13.10 -0.41 -30.80
CB FLC F . -12.62 -0.67 -32.24
CBC FLC F . -12.40 -2.19 -32.45
CG FLC F . -11.31 0.07 -32.51
CGC FLC F . -10.59 -0.41 -33.75
OA1 FLC F . -13.98 -2.58 -30.31
OA2 FLC F . -15.24 -0.85 -29.90
OB1 FLC F . -11.42 -2.73 -31.85
OB2 FLC F . -13.16 -2.77 -33.22
OG1 FLC F . -10.55 -1.63 -33.98
OG2 FLC F . -10.07 0.43 -34.48
OHB FLC F . -13.62 -0.23 -33.14
C1 EDO G . -18.24 -18.17 -1.49
O1 EDO G . -17.34 -18.20 -0.41
C2 EDO G . -18.46 -16.79 -2.04
O2 EDO G . -19.61 -16.66 -2.83
C1 EDO H . -9.98 15.86 -21.50
O1 EDO H . -9.95 16.25 -20.15
C2 EDO H . -10.86 16.71 -22.30
O2 EDO H . -10.97 16.35 -23.64
C1 EDO I . -20.22 -24.51 2.02
O1 EDO I . -19.22 -23.98 2.87
C2 EDO I . -21.09 -23.48 1.40
O2 EDO I . -21.85 -23.93 0.30
MG MG J . -3.03 -9.83 16.82
PG ANP K . 17.27 -0.57 -5.78
O1G ANP K . 18.25 -1.71 -5.82
O2G ANP K . 17.88 0.60 -5.00
O3G ANP K . 17.06 -0.08 -7.22
PB ANP K . 15.30 -2.51 -4.64
O1B ANP K . 16.14 -3.55 -5.33
O2B ANP K . 13.80 -2.47 -4.84
N3B ANP K . 15.92 -1.01 -4.93
PA ANP K . 15.14 -1.89 -1.89
O1A ANP K . 14.87 -2.56 -0.58
O2A ANP K . 14.31 -0.73 -2.34
O3A ANP K . 15.16 -2.92 -3.12
O5' ANP K . 16.70 -1.53 -1.98
C5' ANP K . 17.69 -2.57 -1.88
C4' ANP K . 19.02 -1.93 -1.61
O4' ANP K . 18.92 -1.06 -0.43
C3' ANP K . 20.16 -2.87 -1.26
O3' ANP K . 20.74 -3.40 -2.44
C2' ANP K . 21.11 -1.89 -0.58
O2' ANP K . 21.74 -1.05 -1.50
C1' ANP K . 20.13 -1.09 0.26
N9 ANP K . 19.93 -1.68 1.57
C8 ANP K . 18.87 -2.40 2.05
N7 ANP K . 19.02 -2.76 3.31
C5 ANP K . 20.25 -2.24 3.68
C6 ANP K . 20.97 -2.29 4.88
N6 ANP K . 20.52 -2.86 6.00
N1 ANP K . 22.19 -1.66 4.92
C2 ANP K . 22.61 -1.06 3.79
N3 ANP K . 22.01 -0.96 2.61
C4 ANP K . 20.82 -1.58 2.62
ZN ZN L . 25.54 -12.11 16.07
C1 EDO M . 27.35 -18.32 3.37
O1 EDO M . 27.12 -17.09 4.00
C2 EDO M . 26.68 -18.31 2.05
O2 EDO M . 26.49 -19.53 1.39
#